data_2WVK
#
_entry.id   2WVK
#
_cell.length_a   113.456
_cell.length_b   113.456
_cell.length_c   195.982
_cell.angle_alpha   90.00
_cell.angle_beta   90.00
_cell.angle_gamma   90.00
#
_symmetry.space_group_name_H-M   'P 41 21 2'
#
loop_
_entity.id
_entity.type
_entity.pdbx_description
1 polymer 'MANNOSYL-3-PHOSPHOGLYCERATE SYNTHASE'
2 non-polymer 'CITRATE ANION'
3 non-polymer 'ZINC ION'
4 water water
#
_entity_poly.entity_id   1
_entity_poly.type   'polypeptide(L)'
_entity_poly.pdbx_seq_one_letter_code
;MRLEIPNHTERFGVVRLHEVQRILELDSGRVRDESPAVGLRRLDDADLRDVLEQTAIVVPTRNERLKLLEGVLSGIPHEA
LILVASNSSPDRFQMERDLLEEFAHLTERPALIFHQKDPALAEALRAGGYPHPIGEDGLVRSGKAEGMILALVFAALSGR
RYVGFIDADNYFPGAVWEYVRAYAAGFLMAKTPFAMVRILWRYKPKLTEDEGVVFRRYGRVSERNNRALNQLIGGVSGFE
TDVVKTANAGEHAMSLGLALRLPLASGYAVEPQELVSLLELYGGVFPLEDEEVLQHGVEIFQIETRNPHLHENKGDEHIR
DMLLACLATVYHSKLATEEVRQSVLEELQAAGALAPGEEPPPPVLYPPLSSLDLQAVRKALRGHFSRFRVP
;
_entity_poly.pdbx_strand_id   A,B
#
loop_
_chem_comp.id
_chem_comp.type
_chem_comp.name
_chem_comp.formula
FLC non-polymer 'CITRATE ANION' 'C6 H5 O7 -3'
ZN non-polymer 'ZINC ION' 'Zn 2'
#
# COMPACT_ATOMS: atom_id res chain seq x y z
N MET A 1 -12.71 -4.07 -2.41
CA MET A 1 -11.90 -5.19 -1.96
C MET A 1 -12.63 -6.49 -2.24
N ARG A 2 -11.95 -7.42 -2.91
CA ARG A 2 -12.49 -8.75 -3.15
C ARG A 2 -11.90 -9.70 -2.12
N LEU A 3 -12.71 -10.45 -1.40
CA LEU A 3 -12.14 -11.45 -0.53
C LEU A 3 -12.61 -12.81 -0.91
N GLU A 4 -11.73 -13.80 -0.76
CA GLU A 4 -12.15 -15.18 -0.77
C GLU A 4 -12.96 -15.45 0.47
N ILE A 5 -13.80 -16.47 0.42
CA ILE A 5 -14.81 -16.71 1.44
C ILE A 5 -14.36 -17.94 2.21
N PRO A 6 -14.17 -17.84 3.52
CA PRO A 6 -13.51 -18.96 4.18
C PRO A 6 -14.22 -20.28 3.93
N ASN A 7 -13.53 -21.19 3.27
CA ASN A 7 -14.09 -22.44 2.89
C ASN A 7 -14.64 -23.17 4.12
N HIS A 8 -13.92 -23.10 5.24
CA HIS A 8 -14.30 -23.72 6.53
C HIS A 8 -14.49 -22.70 7.65
N THR A 9 -15.33 -22.99 8.63
CA THR A 9 -15.50 -22.12 9.81
C THR A 9 -15.70 -22.93 11.06
N GLU A 10 -14.90 -22.66 12.08
CA GLU A 10 -14.92 -23.39 13.37
C GLU A 10 -16.06 -22.96 14.32
N ARG A 11 -17.01 -23.86 14.57
CA ARG A 11 -18.11 -23.57 15.50
C ARG A 11 -17.72 -23.98 16.88
N PHE A 12 -17.64 -23.03 17.76
CA PHE A 12 -17.30 -23.35 19.10
C PHE A 12 -18.25 -22.49 19.92
N GLY A 13 -19.27 -23.15 20.49
CA GLY A 13 -20.42 -22.48 21.11
C GLY A 13 -21.18 -21.59 20.15
N VAL A 14 -21.34 -20.32 20.54
CA VAL A 14 -21.91 -19.32 19.65
C VAL A 14 -20.79 -18.52 18.94
N VAL A 15 -19.56 -18.91 19.21
CA VAL A 15 -18.45 -18.36 18.46
C VAL A 15 -18.42 -19.00 17.08
N ARG A 16 -18.02 -18.19 16.11
CA ARG A 16 -17.81 -18.56 14.70
C ARG A 16 -16.40 -18.09 14.34
N LEU A 17 -15.46 -19.01 14.44
CA LEU A 17 -14.08 -18.70 14.14
C LEU A 17 -13.81 -19.12 12.69
N HIS A 18 -13.69 -18.16 11.76
CA HIS A 18 -13.55 -18.46 10.33
C HIS A 18 -12.08 -18.67 9.91
N GLU A 19 -11.82 -19.65 9.07
CA GLU A 19 -10.51 -19.75 8.44
C GLU A 19 -9.98 -18.48 7.80
N VAL A 20 -8.67 -18.48 7.58
CA VAL A 20 -7.97 -17.38 6.96
C VAL A 20 -8.57 -17.18 5.61
N GLN A 21 -8.90 -15.95 5.28
CA GLN A 21 -9.38 -15.61 3.94
C GLN A 21 -8.42 -14.62 3.38
N ARG A 22 -7.94 -14.86 2.17
CA ARG A 22 -6.96 -14.02 1.50
C ARG A 22 -7.67 -12.84 0.87
N ILE A 23 -7.07 -11.66 0.90
CA ILE A 23 -7.57 -10.56 0.06
C ILE A 23 -7.08 -10.81 -1.36
N LEU A 24 -8.01 -10.89 -2.32
CA LEU A 24 -7.60 -11.18 -3.66
C LEU A 24 -7.24 -9.94 -4.38
N GLU A 25 -7.93 -8.86 -4.05
CA GLU A 25 -7.84 -7.62 -4.82
C GLU A 25 -8.15 -6.46 -3.90
N LEU A 26 -7.27 -5.47 -3.88
CA LEU A 26 -7.31 -4.46 -2.86
C LEU A 26 -8.52 -3.57 -2.99
N ASP A 27 -8.78 -3.15 -4.22
CA ASP A 27 -9.79 -2.14 -4.46
C ASP A 27 -10.61 -2.58 -5.66
N SER A 28 -11.75 -3.22 -5.38
CA SER A 28 -12.62 -3.88 -6.37
C SER A 28 -13.76 -3.00 -6.89
N GLY A 29 -13.55 -1.70 -6.77
CA GLY A 29 -14.34 -0.71 -7.47
C GLY A 29 -15.74 -0.51 -6.94
N ARG A 30 -16.59 0.08 -7.80
CA ARG A 30 -17.93 0.52 -7.45
C ARG A 30 -18.92 -0.41 -8.09
N VAL A 31 -19.56 -1.25 -7.29
CA VAL A 31 -20.37 -2.34 -7.83
C VAL A 31 -21.64 -1.81 -8.52
N ARG A 32 -22.01 -2.41 -9.65
CA ARG A 32 -23.21 -2.01 -10.38
C ARG A 32 -23.86 -3.29 -10.82
N ASP A 33 -23.30 -3.90 -11.86
CA ASP A 33 -23.57 -5.29 -12.16
C ASP A 33 -23.02 -6.14 -11.00
N GLU A 34 -23.92 -6.60 -10.14
CA GLU A 34 -23.53 -7.66 -9.22
C GLU A 34 -23.46 -8.89 -10.12
N SER A 35 -22.35 -9.64 -9.99
CA SER A 35 -22.38 -11.05 -10.40
C SER A 35 -22.13 -11.85 -9.16
N PRO A 36 -22.93 -12.88 -8.97
CA PRO A 36 -22.89 -13.57 -7.70
C PRO A 36 -21.83 -14.66 -7.77
N ALA A 37 -20.72 -14.47 -7.12
CA ALA A 37 -19.74 -15.51 -7.14
C ALA A 37 -20.00 -16.16 -5.82
N VAL A 38 -20.08 -17.47 -5.81
CA VAL A 38 -20.29 -18.19 -4.55
C VAL A 38 -19.03 -18.19 -3.65
N GLY A 39 -17.86 -18.33 -4.28
CA GLY A 39 -16.59 -18.58 -3.61
C GLY A 39 -15.95 -17.36 -3.01
N LEU A 40 -16.05 -16.23 -3.69
CA LEU A 40 -15.57 -14.96 -3.12
C LEU A 40 -16.63 -13.88 -2.89
N ARG A 41 -16.21 -12.77 -2.29
CA ARG A 41 -17.09 -11.63 -1.97
C ARG A 41 -16.50 -10.29 -2.37
N ARG A 42 -17.21 -9.50 -3.17
CA ARG A 42 -16.77 -8.18 -3.60
C ARG A 42 -17.35 -7.09 -2.68
N LEU A 43 -16.51 -6.37 -1.97
CA LEU A 43 -17.02 -5.33 -1.10
C LEU A 43 -17.10 -4.04 -1.87
N ASP A 44 -18.30 -3.44 -1.93
CA ASP A 44 -18.47 -2.19 -2.62
C ASP A 44 -17.76 -1.02 -1.90
N ASP A 45 -17.03 -0.19 -2.63
CA ASP A 45 -16.25 0.85 -1.99
C ASP A 45 -17.06 1.63 -0.95
N ALA A 46 -18.20 2.14 -1.38
CA ALA A 46 -19.06 2.98 -0.58
C ALA A 46 -19.55 2.29 0.67
N ASP A 47 -19.89 1.00 0.60
CA ASP A 47 -20.16 0.24 1.85
C ASP A 47 -18.97 0.30 2.79
N LEU A 48 -17.77 0.02 2.29
CA LEU A 48 -16.55 0.02 3.05
C LEU A 48 -16.36 1.32 3.77
N ARG A 49 -16.60 2.43 3.06
CA ARG A 49 -16.43 3.76 3.64
C ARG A 49 -17.51 4.07 4.66
N ASP A 50 -18.70 3.50 4.49
CA ASP A 50 -19.73 3.68 5.47
C ASP A 50 -19.38 2.98 6.77
N VAL A 51 -18.70 1.87 6.70
CA VAL A 51 -18.30 1.18 7.91
C VAL A 51 -17.21 2.00 8.51
N LEU A 52 -16.34 2.52 7.68
CA LEU A 52 -15.19 3.21 8.21
C LEU A 52 -15.60 4.50 8.89
N GLU A 53 -16.68 5.12 8.44
CA GLU A 53 -17.24 6.29 9.13
C GLU A 53 -17.69 5.97 10.56
N GLN A 54 -17.79 4.69 10.89
CA GLN A 54 -18.21 4.29 12.23
C GLN A 54 -17.03 3.66 12.96
N THR A 55 -15.84 3.85 12.42
CA THR A 55 -14.69 3.16 12.94
C THR A 55 -13.69 4.15 13.52
N ALA A 56 -13.16 3.83 14.70
CA ALA A 56 -11.97 4.50 15.26
C ALA A 56 -10.72 3.67 14.97
N ILE A 57 -9.66 4.32 14.51
CA ILE A 57 -8.42 3.60 14.37
C ILE A 57 -7.32 4.03 15.34
N VAL A 58 -7.05 3.19 16.34
CA VAL A 58 -6.05 3.49 17.36
C VAL A 58 -4.61 3.28 16.85
N VAL A 59 -3.74 4.28 17.04
CA VAL A 59 -2.33 4.20 16.62
C VAL A 59 -1.46 4.47 17.84
N PRO A 60 -1.06 3.41 18.57
CA PRO A 60 -0.25 3.62 19.79
C PRO A 60 1.17 3.96 19.40
N THR A 61 1.83 4.68 20.32
CA THR A 61 3.18 5.14 20.16
C THR A 61 3.90 5.27 21.52
N ARG A 62 5.15 4.82 21.56
CA ARG A 62 5.97 5.05 22.71
C ARG A 62 7.29 5.41 22.08
N ASN A 63 7.44 6.70 21.81
CA ASN A 63 8.70 7.27 21.27
C ASN A 63 9.10 6.72 19.90
N GLU A 64 8.09 6.47 19.07
CA GLU A 64 8.25 6.01 17.69
C GLU A 64 8.85 7.14 16.88
N ARG A 65 9.57 6.81 15.82
CA ARG A 65 10.04 7.83 14.86
C ARG A 65 8.82 8.63 14.39
N LEU A 66 8.97 9.95 14.29
CA LEU A 66 7.83 10.77 13.84
C LEU A 66 7.55 10.60 12.35
N LYS A 67 8.59 10.73 11.53
CA LYS A 67 8.51 10.45 10.10
C LYS A 67 7.62 9.23 9.79
N LEU A 68 7.83 8.15 10.53
CA LEU A 68 7.09 6.89 10.39
C LEU A 68 5.67 7.05 10.81
N LEU A 69 5.49 7.63 11.98
CA LEU A 69 4.18 7.80 12.55
C LEU A 69 3.27 8.70 11.69
N GLU A 70 3.85 9.76 11.15
CA GLU A 70 3.13 10.63 10.26
C GLU A 70 2.80 9.88 8.96
N GLY A 71 3.68 9.01 8.53
CA GLY A 71 3.49 8.26 7.30
C GLY A 71 2.37 7.28 7.52
N VAL A 72 2.26 6.77 8.74
CA VAL A 72 1.19 5.83 9.05
C VAL A 72 -0.16 6.53 8.97
N LEU A 73 -0.21 7.79 9.32
CA LEU A 73 -1.45 8.54 9.29
C LEU A 73 -1.92 8.75 7.86
N SER A 74 -1.06 9.30 7.03
CA SER A 74 -1.40 9.56 5.65
C SER A 74 -2.14 8.39 4.97
N GLY A 75 -1.91 7.19 5.47
CA GLY A 75 -2.42 6.00 4.84
C GLY A 75 -3.73 5.51 5.40
N ILE A 76 -4.19 6.12 6.48
CA ILE A 76 -5.43 5.66 7.08
C ILE A 76 -6.62 6.17 6.27
N PRO A 77 -7.53 5.28 5.87
CA PRO A 77 -8.73 5.71 5.14
C PRO A 77 -9.42 6.91 5.80
N HIS A 78 -9.87 7.84 4.97
CA HIS A 78 -10.38 9.11 5.45
C HIS A 78 -11.47 9.06 6.52
N GLU A 79 -12.41 8.17 6.35
CA GLU A 79 -13.57 8.05 7.22
C GLU A 79 -13.28 7.63 8.65
N ALA A 80 -12.14 7.01 8.88
CA ALA A 80 -11.87 6.50 10.19
C ALA A 80 -11.46 7.62 11.14
N LEU A 81 -11.70 7.45 12.44
CA LEU A 81 -11.39 8.46 13.38
C LEU A 81 -9.89 8.67 13.62
N ILE A 82 -9.11 7.68 13.98
CA ILE A 82 -7.72 8.08 14.42
C ILE A 82 -7.63 8.56 15.88
N LEU A 83 -7.12 7.68 16.73
CA LEU A 83 -6.76 8.02 18.08
C LEU A 83 -5.33 7.59 18.23
N VAL A 84 -4.47 8.55 18.56
CA VAL A 84 -3.09 8.24 18.86
C VAL A 84 -3.03 7.98 20.37
N ALA A 85 -2.73 6.75 20.78
CA ALA A 85 -2.54 6.43 22.20
C ALA A 85 -1.07 6.52 22.53
N SER A 86 -0.69 7.41 23.45
CA SER A 86 0.72 7.72 23.69
C SER A 86 1.24 7.39 25.09
N ASN A 87 2.50 6.94 25.12
CA ASN A 87 3.21 6.66 26.34
C ASN A 87 4.65 7.12 26.19
N SER A 88 4.83 8.28 25.57
CA SER A 88 6.13 8.73 25.10
C SER A 88 6.76 9.79 26.02
N SER A 89 8.05 10.10 25.81
CA SER A 89 8.74 11.10 26.62
C SER A 89 7.88 12.36 26.74
N PRO A 90 7.76 12.92 27.94
CA PRO A 90 6.91 14.09 28.16
C PRO A 90 6.96 15.07 27.00
N ASP A 91 8.13 15.27 26.42
CA ASP A 91 8.26 16.25 25.33
C ASP A 91 8.09 15.64 23.98
N ARG A 92 8.40 14.35 23.84
CA ARG A 92 8.08 13.64 22.60
C ARG A 92 6.58 13.67 22.37
N PHE A 93 5.82 13.36 23.42
CA PHE A 93 4.37 13.49 23.37
C PHE A 93 3.98 14.78 22.71
N GLN A 94 4.70 15.85 23.04
CA GLN A 94 4.31 17.17 22.59
C GLN A 94 4.44 17.28 21.09
N MET A 95 5.51 16.73 20.55
CA MET A 95 5.72 16.69 19.13
C MET A 95 4.61 15.93 18.42
N GLU A 96 4.28 14.76 18.96
CA GLU A 96 3.19 13.95 18.42
C GLU A 96 1.92 14.77 18.40
N ARG A 97 1.59 15.49 19.47
CA ARG A 97 0.42 16.36 19.43
C ARG A 97 0.52 17.31 18.23
N ASP A 98 1.65 17.99 18.12
CA ASP A 98 1.87 18.94 17.02
C ASP A 98 1.70 18.25 15.67
N LEU A 99 2.26 17.04 15.57
CA LEU A 99 2.22 16.28 14.34
C LEU A 99 0.78 16.01 13.96
N LEU A 100 -0.02 15.56 14.93
CA LEU A 100 -1.41 15.21 14.67
C LEU A 100 -2.29 16.41 14.30
N GLU A 101 -2.12 17.54 15.00
CA GLU A 101 -2.92 18.72 14.68
C GLU A 101 -2.67 19.14 13.25
N GLU A 102 -1.40 19.22 12.87
CA GLU A 102 -1.06 19.65 11.53
C GLU A 102 -1.72 18.73 10.52
N PHE A 103 -1.54 17.43 10.72
CA PHE A 103 -2.15 16.45 9.84
C PHE A 103 -3.65 16.60 9.81
N ALA A 104 -4.28 16.66 10.98
CA ALA A 104 -5.71 16.69 11.02
C ALA A 104 -6.18 17.97 10.37
N HIS A 105 -5.53 19.08 10.69
CA HIS A 105 -5.83 20.36 10.06
C HIS A 105 -5.86 20.16 8.56
N LEU A 106 -4.70 19.85 7.97
CA LEU A 106 -4.53 19.74 6.52
C LEU A 106 -5.48 18.78 5.85
N THR A 107 -5.77 17.68 6.52
CA THR A 107 -6.63 16.64 5.93
C THR A 107 -8.07 16.90 6.28
N GLU A 108 -8.31 17.94 7.04
CA GLU A 108 -9.67 18.38 7.35
C GLU A 108 -10.47 17.23 7.88
N ARG A 109 -10.02 16.75 9.01
CA ARG A 109 -10.41 15.45 9.48
C ARG A 109 -10.17 15.46 11.01
N PRO A 110 -11.06 14.83 11.78
CA PRO A 110 -11.03 14.83 13.24
C PRO A 110 -10.06 13.81 13.88
N ALA A 111 -9.50 14.15 15.03
CA ALA A 111 -8.61 13.22 15.71
C ALA A 111 -8.51 13.44 17.21
N LEU A 112 -8.32 12.35 17.94
CA LEU A 112 -7.97 12.48 19.32
C LEU A 112 -6.59 11.91 19.60
N ILE A 113 -6.00 12.40 20.69
CA ILE A 113 -4.70 11.97 21.18
C ILE A 113 -4.66 12.11 22.69
N PHE A 114 -4.10 11.12 23.36
CA PHE A 114 -4.04 11.10 24.80
C PHE A 114 -2.78 10.40 25.28
N HIS A 115 -2.46 10.57 26.58
CA HIS A 115 -1.25 9.99 27.18
C HIS A 115 -1.52 9.07 28.40
N GLN A 116 -0.95 7.85 28.37
CA GLN A 116 -1.20 6.83 29.42
C GLN A 116 -0.99 7.37 30.82
N LYS A 117 -0.03 8.26 30.98
CA LYS A 117 0.33 8.73 32.31
C LYS A 117 -0.37 10.03 32.63
N ASP A 118 -1.43 10.34 31.87
CA ASP A 118 -2.24 11.50 32.17
C ASP A 118 -3.09 11.20 33.40
N PRO A 119 -3.01 12.09 34.40
CA PRO A 119 -3.75 11.95 35.65
C PRO A 119 -5.27 12.11 35.50
N ALA A 120 -5.72 12.89 34.52
CA ALA A 120 -7.15 13.12 34.34
C ALA A 120 -7.79 11.78 34.08
N LEU A 121 -7.10 11.01 33.25
CA LEU A 121 -7.54 9.71 32.82
C LEU A 121 -7.64 8.78 34.00
N ALA A 122 -6.66 8.88 34.91
CA ALA A 122 -6.69 8.06 36.12
C ALA A 122 -7.93 8.36 36.92
N GLU A 123 -8.25 9.65 37.05
CA GLU A 123 -9.44 10.06 37.79
C GLU A 123 -10.72 9.66 37.10
N ALA A 124 -10.70 9.72 35.77
CA ALA A 124 -11.86 9.44 34.95
C ALA A 124 -12.34 8.01 35.18
N LEU A 125 -11.41 7.06 35.09
CA LEU A 125 -11.69 5.66 35.32
C LEU A 125 -12.28 5.38 36.72
N ARG A 126 -11.62 5.89 37.76
CA ARG A 126 -12.05 5.58 39.12
C ARG A 126 -13.38 6.27 39.47
N ALA A 127 -13.70 7.34 38.74
CA ALA A 127 -15.00 7.99 38.83
C ALA A 127 -16.05 7.07 38.25
N GLY A 128 -15.71 6.43 37.14
CA GLY A 128 -16.58 5.45 36.51
C GLY A 128 -16.53 4.06 37.12
N GLY A 129 -16.00 3.94 38.34
CA GLY A 129 -15.92 2.67 39.01
C GLY A 129 -15.08 1.63 38.27
N TYR A 130 -13.92 2.03 37.77
CA TYR A 130 -12.99 1.07 37.16
C TYR A 130 -11.56 1.47 37.46
N PRO A 131 -11.14 1.33 38.73
CA PRO A 131 -9.82 1.76 39.20
C PRO A 131 -8.72 0.79 38.83
N HIS A 132 -9.09 -0.31 38.19
CA HIS A 132 -8.22 -1.45 38.03
C HIS A 132 -6.84 -1.20 37.37
N PRO A 133 -6.70 -0.13 36.60
CA PRO A 133 -5.32 -0.08 36.15
C PRO A 133 -4.43 0.94 36.83
N ILE A 134 -4.95 1.70 37.79
CA ILE A 134 -4.16 2.83 38.31
C ILE A 134 -2.89 2.36 39.05
N GLY A 135 -1.75 3.02 38.79
CA GLY A 135 -0.49 2.69 39.47
C GLY A 135 -0.41 3.18 40.91
N GLU A 136 0.66 2.81 41.62
CA GLU A 136 0.90 3.29 42.99
C GLU A 136 1.21 4.78 42.98
N ASP A 137 1.91 5.21 41.94
CA ASP A 137 2.20 6.63 41.70
C ASP A 137 0.91 7.40 41.40
N GLY A 138 -0.22 6.68 41.53
CA GLY A 138 -1.54 7.28 41.39
C GLY A 138 -2.04 7.41 39.97
N LEU A 139 -1.35 6.81 39.01
CA LEU A 139 -1.82 6.92 37.64
C LEU A 139 -1.68 5.64 36.84
N VAL A 140 -2.63 5.45 35.92
CA VAL A 140 -2.68 4.31 35.01
C VAL A 140 -1.27 3.83 34.67
N ARG A 141 -0.94 2.61 35.05
CA ARG A 141 0.37 2.05 34.75
C ARG A 141 0.60 1.82 33.25
N SER A 142 1.87 1.77 32.85
CA SER A 142 2.27 1.38 31.50
C SER A 142 1.95 -0.08 31.30
N GLY A 143 1.82 -0.48 30.04
CA GLY A 143 1.47 -1.83 29.68
C GLY A 143 0.65 -1.74 28.41
N LYS A 144 0.60 -2.84 27.68
CA LYS A 144 -0.17 -2.93 26.45
C LYS A 144 -1.67 -2.80 26.80
N ALA A 145 -2.19 -3.76 27.57
CA ALA A 145 -3.57 -3.77 28.09
C ALA A 145 -4.10 -2.40 28.50
N GLU A 146 -3.39 -1.78 29.43
CA GLU A 146 -3.66 -0.43 29.93
C GLU A 146 -3.88 0.56 28.79
N GLY A 147 -3.09 0.40 27.72
CA GLY A 147 -3.23 1.24 26.55
C GLY A 147 -4.61 1.05 25.96
N MET A 148 -4.99 -0.20 25.68
CA MET A 148 -6.27 -0.51 25.07
C MET A 148 -7.45 0.02 25.89
N ILE A 149 -7.35 -0.14 27.19
CA ILE A 149 -8.43 0.33 28.03
C ILE A 149 -8.70 1.80 27.72
N LEU A 150 -7.64 2.59 27.66
CA LEU A 150 -7.83 3.98 27.36
C LEU A 150 -8.38 4.16 25.95
N ALA A 151 -7.85 3.40 25.01
CA ALA A 151 -8.28 3.46 23.63
C ALA A 151 -9.79 3.21 23.51
N LEU A 152 -10.27 2.17 24.19
CA LEU A 152 -11.67 1.74 24.06
C LEU A 152 -12.63 2.71 24.73
N VAL A 153 -12.15 3.39 25.76
CA VAL A 153 -12.95 4.42 26.42
C VAL A 153 -13.18 5.58 25.45
N PHE A 154 -12.11 6.03 24.81
CA PHE A 154 -12.24 7.08 23.83
C PHE A 154 -13.09 6.65 22.63
N ALA A 155 -12.89 5.42 22.16
CA ALA A 155 -13.71 4.89 21.07
C ALA A 155 -15.16 5.06 21.49
N ALA A 156 -15.45 4.56 22.68
CA ALA A 156 -16.79 4.58 23.21
C ALA A 156 -17.25 6.01 23.26
N LEU A 157 -16.51 6.86 23.92
CA LEU A 157 -17.00 8.20 24.13
C LEU A 157 -17.25 8.87 22.81
N SER A 158 -16.55 8.41 21.77
CA SER A 158 -16.62 9.10 20.51
C SER A 158 -17.76 8.59 19.65
N GLY A 159 -18.43 7.53 20.08
CA GLY A 159 -19.63 7.06 19.40
C GLY A 159 -19.39 6.18 18.18
N ARG A 160 -18.17 5.67 18.02
CA ARG A 160 -17.87 4.76 16.92
C ARG A 160 -18.25 3.34 17.35
N ARG A 161 -18.62 2.48 16.40
CA ARG A 161 -19.06 1.11 16.72
C ARG A 161 -17.88 0.20 16.61
N TYR A 162 -16.94 0.57 15.75
CA TYR A 162 -15.79 -0.26 15.43
C TYR A 162 -14.51 0.42 15.84
N VAL A 163 -13.57 -0.39 16.32
CA VAL A 163 -12.28 0.10 16.72
C VAL A 163 -11.28 -0.98 16.36
N GLY A 164 -10.16 -0.55 15.79
CA GLY A 164 -9.12 -1.45 15.34
C GLY A 164 -7.82 -0.74 15.49
N PHE A 165 -6.75 -1.51 15.52
CA PHE A 165 -5.45 -1.02 15.91
C PHE A 165 -4.42 -1.20 14.80
N ILE A 166 -3.56 -0.21 14.65
CA ILE A 166 -2.57 -0.22 13.63
C ILE A 166 -1.28 0.01 14.32
N ASP A 167 -0.26 -0.69 13.86
CA ASP A 167 1.10 -0.59 14.31
C ASP A 167 1.72 0.60 13.59
N ALA A 168 2.04 1.67 14.30
CA ALA A 168 2.76 2.82 13.72
C ALA A 168 4.10 2.43 13.11
N ASP A 169 4.55 1.20 13.29
CA ASP A 169 5.85 0.70 12.83
C ASP A 169 5.77 0.18 11.40
N ASN A 170 5.58 1.09 10.44
CA ASN A 170 5.25 0.64 9.09
C ASN A 170 5.76 1.61 8.07
N TYR A 171 6.74 1.19 7.27
CA TYR A 171 7.32 2.06 6.27
C TYR A 171 6.36 2.30 5.11
N PHE A 172 5.18 1.65 5.15
CA PHE A 172 4.32 1.58 3.97
C PHE A 172 2.86 2.06 4.15
N PRO A 173 2.61 3.36 3.92
CA PRO A 173 1.28 3.87 4.22
C PRO A 173 0.16 3.14 3.48
N GLY A 174 0.48 2.61 2.29
CA GLY A 174 -0.43 1.81 1.47
C GLY A 174 -0.78 0.49 2.12
N ALA A 175 0.19 -0.07 2.83
CA ALA A 175 -0.04 -1.28 3.59
C ALA A 175 -1.09 -0.94 4.64
N VAL A 176 -0.96 0.23 5.24
CA VAL A 176 -1.90 0.69 6.28
C VAL A 176 -3.31 0.82 5.72
N TRP A 177 -3.45 1.51 4.59
CA TRP A 177 -4.71 1.62 3.93
C TRP A 177 -5.44 0.29 3.73
N GLU A 178 -4.74 -0.72 3.18
CA GLU A 178 -5.28 -2.06 3.07
C GLU A 178 -5.69 -2.65 4.40
N TYR A 179 -4.83 -2.57 5.42
CA TYR A 179 -5.12 -3.18 6.71
C TYR A 179 -6.43 -2.59 7.29
N VAL A 180 -6.59 -1.28 7.17
CA VAL A 180 -7.81 -0.66 7.66
C VAL A 180 -9.05 -1.03 6.85
N ARG A 181 -8.99 -0.99 5.51
CA ARG A 181 -10.12 -1.41 4.72
C ARG A 181 -10.45 -2.87 5.03
N ALA A 182 -9.43 -3.70 5.31
CA ALA A 182 -9.65 -5.11 5.64
C ALA A 182 -10.49 -5.28 6.92
N TYR A 183 -10.28 -4.40 7.88
CA TYR A 183 -11.16 -4.33 9.04
C TYR A 183 -12.61 -4.03 8.59
N ALA A 184 -12.73 -3.03 7.74
CA ALA A 184 -14.03 -2.66 7.21
C ALA A 184 -14.62 -3.86 6.47
N ALA A 185 -13.80 -4.48 5.61
CA ALA A 185 -14.20 -5.69 4.91
C ALA A 185 -14.77 -6.68 5.92
N GLY A 186 -14.08 -6.87 7.04
CA GLY A 186 -14.48 -7.87 8.01
C GLY A 186 -15.82 -7.53 8.61
N PHE A 187 -15.95 -6.33 9.15
CA PHE A 187 -17.21 -5.96 9.73
C PHE A 187 -18.33 -5.93 8.69
N LEU A 188 -18.03 -5.55 7.45
CA LEU A 188 -19.07 -5.61 6.42
C LEU A 188 -19.59 -7.03 6.35
N MET A 189 -18.70 -7.96 5.97
CA MET A 189 -18.99 -9.41 5.88
C MET A 189 -19.67 -9.97 7.07
N ALA A 190 -19.45 -9.37 8.25
CA ALA A 190 -19.93 -9.95 9.46
C ALA A 190 -21.43 -9.84 9.53
N LYS A 191 -22.06 -10.79 10.21
CA LYS A 191 -23.48 -10.91 10.28
C LYS A 191 -23.92 -10.81 11.73
N THR A 192 -23.07 -10.32 12.63
CA THR A 192 -23.45 -10.18 14.04
C THR A 192 -22.77 -8.97 14.59
N PRO A 193 -23.43 -8.26 15.54
CA PRO A 193 -22.81 -7.07 16.11
C PRO A 193 -21.63 -7.37 17.01
N PHE A 194 -21.23 -8.64 17.10
CA PHE A 194 -20.07 -9.04 17.89
C PHE A 194 -19.01 -9.67 17.00
N ALA A 195 -18.04 -8.87 16.61
CA ALA A 195 -17.15 -9.28 15.56
C ALA A 195 -15.75 -8.84 15.85
N MET A 196 -14.81 -9.65 15.41
CA MET A 196 -13.37 -9.38 15.55
C MET A 196 -12.70 -9.62 14.18
N VAL A 197 -11.79 -8.76 13.78
CA VAL A 197 -11.09 -8.98 12.53
C VAL A 197 -9.63 -9.00 12.88
N ARG A 198 -8.94 -10.09 12.57
CA ARG A 198 -7.54 -10.26 12.94
C ARG A 198 -6.73 -10.44 11.69
N ILE A 199 -5.86 -9.49 11.44
CA ILE A 199 -5.05 -9.52 10.26
C ILE A 199 -3.78 -10.34 10.49
N LEU A 200 -3.34 -10.98 9.42
CA LEU A 200 -2.04 -11.60 9.40
C LEU A 200 -1.49 -11.41 8.03
N TRP A 201 -0.20 -11.66 7.94
CA TRP A 201 0.41 -11.78 6.65
C TRP A 201 1.40 -12.89 6.80
N ARG A 202 1.29 -13.93 5.96
CA ARG A 202 2.19 -15.08 6.13
C ARG A 202 3.05 -15.38 4.89
N TYR A 203 4.27 -15.88 5.14
CA TYR A 203 5.35 -15.89 4.17
C TYR A 203 6.04 -17.26 4.06
N LYS A 204 6.16 -17.78 2.84
CA LYS A 204 6.87 -19.04 2.62
C LYS A 204 8.39 -18.84 2.29
N PRO A 205 9.30 -19.40 3.14
CA PRO A 205 10.78 -19.46 2.86
C PRO A 205 11.29 -20.69 2.05
N LYS A 206 12.50 -21.15 2.37
CA LYS A 206 13.08 -22.38 1.79
C LYS A 206 14.63 -22.45 1.94
N LEU A 207 15.21 -23.57 1.53
CA LEU A 207 16.67 -23.77 1.57
C LEU A 207 17.43 -22.73 0.72
N THR A 208 16.82 -22.30 -0.40
CA THR A 208 17.48 -21.39 -1.36
C THR A 208 16.79 -20.02 -1.32
N GLU A 209 16.62 -19.51 -0.10
CA GLU A 209 15.91 -18.25 0.16
C GLU A 209 16.34 -17.68 1.53
N ASP A 210 16.68 -16.38 1.57
CA ASP A 210 17.14 -15.73 2.80
C ASP A 210 16.02 -15.05 3.64
N GLU A 211 16.25 -14.96 4.95
CA GLU A 211 15.29 -14.34 5.90
C GLU A 211 15.98 -13.82 7.18
N GLY A 212 17.29 -14.11 7.31
CA GLY A 212 18.05 -13.81 8.52
C GLY A 212 17.68 -14.75 9.64
N VAL A 213 18.67 -15.24 10.38
CA VAL A 213 18.46 -16.15 11.52
C VAL A 213 17.71 -15.46 12.69
N VAL A 214 16.66 -14.71 12.39
CA VAL A 214 15.83 -14.02 13.40
C VAL A 214 14.38 -13.77 12.94
N PHE A 215 14.20 -13.69 11.62
CA PHE A 215 12.87 -13.68 11.01
C PHE A 215 12.34 -15.12 10.92
N ARG A 216 13.25 -16.03 10.57
CA ARG A 216 13.04 -17.46 10.65
C ARG A 216 12.46 -17.86 12.03
N ARG A 217 13.28 -17.73 13.08
CA ARG A 217 12.92 -18.06 14.48
C ARG A 217 11.67 -17.34 14.99
N TYR A 218 11.30 -16.24 14.31
CA TYR A 218 10.04 -15.57 14.64
C TYR A 218 8.83 -16.33 14.10
N GLY A 219 9.00 -16.99 12.95
CA GLY A 219 7.93 -17.83 12.40
C GLY A 219 7.77 -19.08 13.23
N ARG A 220 8.90 -19.67 13.60
CA ARG A 220 8.97 -20.87 14.43
C ARG A 220 8.18 -20.74 15.74
N VAL A 221 7.95 -19.52 16.21
CA VAL A 221 7.19 -19.32 17.46
C VAL A 221 5.69 -19.11 17.26
N SER A 222 5.33 -18.23 16.32
CA SER A 222 3.90 -17.98 16.03
C SER A 222 3.23 -19.28 15.60
N GLU A 223 3.94 -20.06 14.79
CA GLU A 223 3.45 -21.37 14.44
C GLU A 223 3.09 -22.14 15.72
N ARG A 224 3.98 -22.14 16.70
CA ARG A 224 3.70 -22.88 17.94
C ARG A 224 2.54 -22.29 18.71
N ASN A 225 2.51 -20.98 18.83
CA ASN A 225 1.42 -20.29 19.49
C ASN A 225 0.06 -20.61 18.89
N ASN A 226 -0.12 -20.32 17.60
CA ASN A 226 -1.29 -20.79 16.89
C ASN A 226 -1.56 -22.26 17.23
N ARG A 227 -0.52 -23.10 17.20
CA ARG A 227 -0.67 -24.52 17.55
C ARG A 227 -1.31 -24.67 18.91
N ALA A 228 -0.71 -24.04 19.91
CA ALA A 228 -1.17 -24.15 21.29
C ALA A 228 -2.63 -23.76 21.43
N LEU A 229 -3.06 -22.81 20.62
CA LEU A 229 -4.47 -22.42 20.59
C LEU A 229 -5.40 -23.48 20.03
N ASN A 230 -5.02 -24.12 18.92
CA ASN A 230 -5.83 -25.21 18.41
C ASN A 230 -5.75 -26.42 19.38
N GLN A 231 -4.66 -26.52 20.10
CA GLN A 231 -4.60 -27.53 21.12
C GLN A 231 -5.68 -27.29 22.16
N LEU A 232 -5.88 -26.03 22.54
CA LEU A 232 -6.91 -25.68 23.52
C LEU A 232 -8.30 -26.00 22.98
N ILE A 233 -8.63 -25.44 21.83
CA ILE A 233 -9.88 -25.74 21.15
C ILE A 233 -10.05 -27.24 20.98
N GLY A 234 -9.12 -27.88 20.28
CA GLY A 234 -9.22 -29.31 20.01
C GLY A 234 -9.53 -30.09 21.27
N GLY A 235 -8.84 -29.73 22.36
CA GLY A 235 -9.02 -30.34 23.67
C GLY A 235 -10.45 -30.38 24.14
N VAL A 236 -11.15 -29.26 23.98
CA VAL A 236 -12.57 -29.19 24.32
C VAL A 236 -13.39 -29.87 23.25
N SER A 237 -13.09 -29.52 22.02
CA SER A 237 -13.89 -29.94 20.88
C SER A 237 -13.96 -31.46 20.71
N GLY A 238 -12.84 -32.15 20.94
CA GLY A 238 -12.73 -33.58 20.67
C GLY A 238 -12.21 -33.82 19.27
N PHE A 239 -12.34 -32.80 18.42
CA PHE A 239 -11.93 -32.77 17.01
C PHE A 239 -10.70 -31.85 16.78
N GLU A 240 -9.60 -32.45 16.31
CA GLU A 240 -8.33 -31.76 16.05
C GLU A 240 -8.46 -30.66 14.97
N THR A 241 -8.17 -29.42 15.34
CA THR A 241 -8.31 -28.30 14.40
C THR A 241 -7.00 -27.62 14.03
N ASP A 242 -7.06 -26.71 13.05
CA ASP A 242 -5.94 -25.87 12.71
C ASP A 242 -6.52 -24.59 12.15
N VAL A 243 -7.18 -23.79 12.96
CA VAL A 243 -7.96 -22.72 12.35
C VAL A 243 -7.39 -21.40 12.77
N VAL A 244 -6.84 -21.36 13.98
CA VAL A 244 -6.18 -20.17 14.48
C VAL A 244 -4.83 -20.06 13.77
N LYS A 245 -4.68 -18.97 13.02
CA LYS A 245 -3.41 -18.61 12.42
C LYS A 245 -3.03 -17.19 12.87
N THR A 246 -3.76 -16.68 13.86
CA THR A 246 -3.62 -15.29 14.29
C THR A 246 -3.48 -15.06 15.81
N ALA A 247 -2.85 -16.01 16.50
CA ALA A 247 -2.76 -15.94 17.96
C ALA A 247 -2.11 -14.65 18.41
N ASN A 248 -1.10 -14.19 17.68
CA ASN A 248 -0.47 -12.89 17.95
C ASN A 248 -0.85 -11.78 16.96
N ALA A 249 -2.09 -11.75 16.52
CA ALA A 249 -2.58 -10.67 15.64
C ALA A 249 -2.66 -9.32 16.36
N GLY A 250 -1.50 -8.68 16.50
CA GLY A 250 -1.37 -7.35 17.11
C GLY A 250 -2.30 -6.41 16.38
N GLU A 251 -2.22 -6.36 15.06
CA GLU A 251 -3.18 -5.53 14.35
C GLU A 251 -4.55 -6.23 14.22
N HIS A 252 -5.50 -5.85 15.05
CA HIS A 252 -6.83 -6.47 14.99
C HIS A 252 -7.93 -5.45 15.25
N ALA A 253 -9.14 -5.80 14.89
CA ALA A 253 -10.25 -4.87 15.06
C ALA A 253 -11.37 -5.62 15.66
N MET A 254 -12.38 -4.92 16.15
CA MET A 254 -13.30 -5.53 17.07
C MET A 254 -14.42 -4.54 17.23
N SER A 255 -15.65 -5.01 17.13
CA SER A 255 -16.81 -4.14 17.37
C SER A 255 -16.79 -3.76 18.84
N LEU A 256 -17.07 -2.49 19.12
CA LEU A 256 -17.07 -2.04 20.48
C LEU A 256 -17.91 -2.93 21.44
N GLY A 257 -19.07 -3.39 20.98
CA GLY A 257 -19.91 -4.28 21.77
C GLY A 257 -19.18 -5.51 22.30
N LEU A 258 -18.33 -6.09 21.45
CA LEU A 258 -17.46 -7.21 21.79
C LEU A 258 -16.30 -6.76 22.66
N ALA A 259 -15.67 -5.65 22.28
CA ALA A 259 -14.51 -5.16 23.00
C ALA A 259 -14.88 -4.98 24.47
N LEU A 260 -15.93 -4.21 24.75
CA LEU A 260 -16.27 -3.88 26.15
C LEU A 260 -16.61 -5.12 26.95
N ARG A 261 -16.84 -6.22 26.25
CA ARG A 261 -17.24 -7.45 26.89
C ARG A 261 -16.08 -8.32 27.38
N LEU A 262 -14.92 -8.19 26.74
CA LEU A 262 -13.77 -9.02 27.08
C LEU A 262 -12.92 -8.45 28.20
N PRO A 263 -12.36 -9.34 29.06
CA PRO A 263 -11.23 -9.05 29.95
C PRO A 263 -9.97 -8.90 29.12
N LEU A 264 -8.88 -8.42 29.71
CA LEU A 264 -7.64 -8.12 28.98
C LEU A 264 -6.35 -8.40 29.77
N ALA A 265 -5.34 -8.98 29.11
CA ALA A 265 -4.09 -9.30 29.84
C ALA A 265 -3.00 -8.26 29.58
N SER A 266 -2.06 -8.12 30.53
CA SER A 266 -1.10 -7.00 30.49
C SER A 266 0.06 -7.12 29.47
N GLY A 267 0.77 -8.25 29.51
CA GLY A 267 1.97 -8.48 28.67
C GLY A 267 1.63 -8.93 27.27
N TYR A 268 2.54 -9.69 26.64
CA TYR A 268 2.28 -10.27 25.29
C TYR A 268 1.10 -11.23 25.22
N ALA A 269 0.46 -11.49 26.36
CA ALA A 269 -0.66 -12.42 26.43
C ALA A 269 -1.96 -11.87 25.81
N VAL A 270 -2.05 -10.54 25.72
CA VAL A 270 -3.24 -9.86 25.17
C VAL A 270 -3.85 -10.56 23.99
N GLU A 271 -3.15 -10.53 22.87
CA GLU A 271 -3.71 -11.01 21.62
C GLU A 271 -4.21 -12.44 21.82
N PRO A 272 -3.32 -13.36 22.24
CA PRO A 272 -3.71 -14.74 22.62
C PRO A 272 -4.86 -14.86 23.65
N GLN A 273 -4.88 -14.00 24.68
CA GLN A 273 -5.96 -13.98 25.65
C GLN A 273 -7.33 -13.71 25.08
N GLU A 274 -7.42 -12.68 24.26
CA GLU A 274 -8.63 -12.34 23.53
C GLU A 274 -9.34 -13.63 23.10
N LEU A 275 -8.63 -14.41 22.30
CA LEU A 275 -9.15 -15.66 21.81
C LEU A 275 -9.53 -16.56 22.94
N VAL A 276 -8.61 -16.77 23.89
CA VAL A 276 -8.90 -17.71 24.97
C VAL A 276 -10.19 -17.24 25.63
N SER A 277 -10.23 -15.96 26.03
CA SER A 277 -11.39 -15.40 26.71
C SER A 277 -12.70 -15.63 25.95
N LEU A 278 -12.76 -15.20 24.68
CA LEU A 278 -13.90 -15.46 23.81
C LEU A 278 -14.39 -16.89 23.86
N LEU A 279 -13.48 -17.84 23.81
CA LEU A 279 -13.90 -19.21 23.87
C LEU A 279 -14.39 -19.64 25.26
N GLU A 280 -13.74 -19.14 26.30
CA GLU A 280 -14.14 -19.41 27.65
C GLU A 280 -15.54 -18.87 27.88
N LEU A 281 -15.75 -17.62 27.47
CA LEU A 281 -17.04 -16.94 27.64
C LEU A 281 -18.15 -17.50 26.76
N TYR A 282 -17.86 -17.79 25.49
CA TYR A 282 -18.91 -18.14 24.52
C TYR A 282 -18.77 -19.54 23.89
N GLY A 283 -17.99 -20.40 24.54
CA GLY A 283 -17.75 -21.75 24.03
C GLY A 283 -18.86 -22.69 24.39
N GLY A 284 -19.58 -22.39 25.47
CA GLY A 284 -20.71 -23.20 25.82
C GLY A 284 -20.36 -24.03 27.01
N VAL A 285 -19.06 -24.24 27.21
CA VAL A 285 -18.60 -25.07 28.35
C VAL A 285 -18.82 -24.38 29.68
N PHE A 286 -19.60 -23.30 29.65
CA PHE A 286 -19.98 -22.54 30.84
C PHE A 286 -21.36 -21.94 30.61
N PRO A 287 -22.13 -21.73 31.69
CA PRO A 287 -23.28 -20.83 31.58
C PRO A 287 -22.80 -19.49 31.01
N LEU A 288 -23.50 -19.00 30.00
CA LEU A 288 -23.24 -17.71 29.42
C LEU A 288 -24.51 -16.88 29.62
N GLU A 289 -24.37 -15.79 30.37
CA GLU A 289 -25.53 -15.07 30.89
C GLU A 289 -26.07 -14.07 29.89
N ASP A 290 -25.17 -13.23 29.38
CA ASP A 290 -25.41 -12.33 28.26
C ASP A 290 -26.41 -12.83 27.22
N GLU A 291 -27.57 -12.16 27.15
CA GLU A 291 -28.58 -12.48 26.14
C GLU A 291 -28.14 -12.16 24.71
N GLU A 292 -27.87 -10.88 24.41
CA GLU A 292 -27.65 -10.45 23.02
C GLU A 292 -26.59 -11.21 22.22
N VAL A 293 -25.61 -11.76 22.94
CA VAL A 293 -24.46 -12.41 22.33
C VAL A 293 -24.84 -13.84 22.04
N LEU A 294 -25.40 -14.47 23.04
CA LEU A 294 -25.95 -15.81 22.90
C LEU A 294 -26.99 -15.88 21.76
N GLN A 295 -27.55 -14.73 21.45
CA GLN A 295 -28.61 -14.60 20.50
C GLN A 295 -28.07 -14.32 19.08
N HIS A 296 -27.00 -13.51 18.97
CA HIS A 296 -26.34 -13.20 17.68
C HIS A 296 -25.01 -13.96 17.46
N GLY A 297 -24.50 -14.57 18.52
CA GLY A 297 -23.17 -15.18 18.49
C GLY A 297 -21.98 -14.29 18.20
N VAL A 298 -20.80 -14.90 18.18
CA VAL A 298 -19.62 -14.15 17.79
C VAL A 298 -18.94 -14.66 16.52
N GLU A 299 -18.57 -13.74 15.64
CA GLU A 299 -17.69 -14.06 14.50
C GLU A 299 -16.28 -13.49 14.66
N ILE A 300 -15.29 -14.37 14.46
CA ILE A 300 -13.91 -13.95 14.44
C ILE A 300 -13.36 -14.11 13.02
N PHE A 301 -12.96 -12.99 12.41
CA PHE A 301 -12.41 -13.01 11.04
C PHE A 301 -10.89 -13.06 11.02
N GLN A 302 -10.29 -13.90 10.18
CA GLN A 302 -8.83 -13.97 10.06
C GLN A 302 -8.48 -13.63 8.63
N ILE A 303 -8.05 -12.40 8.38
CA ILE A 303 -7.84 -11.93 6.99
C ILE A 303 -6.38 -11.75 6.60
N GLU A 304 -5.97 -12.28 5.45
CA GLU A 304 -4.58 -12.27 5.01
C GLU A 304 -4.38 -11.17 4.00
N THR A 305 -3.60 -10.20 4.42
CA THR A 305 -3.33 -9.03 3.60
C THR A 305 -2.39 -9.32 2.44
N ARG A 306 -2.50 -8.52 1.39
CA ARG A 306 -1.59 -8.56 0.25
C ARG A 306 -0.23 -7.94 0.55
N ASN A 307 -0.23 -6.93 1.39
CA ASN A 307 1.01 -6.26 1.74
C ASN A 307 1.72 -6.93 2.90
N PRO A 308 3.04 -7.11 2.77
CA PRO A 308 3.93 -7.59 3.80
C PRO A 308 3.82 -6.73 5.05
N HIS A 309 3.85 -7.37 6.21
CA HIS A 309 3.92 -6.68 7.48
C HIS A 309 5.40 -6.60 7.81
N LEU A 310 6.04 -5.44 7.61
CA LEU A 310 7.43 -5.33 8.03
C LEU A 310 7.66 -4.33 9.20
N HIS A 311 7.59 -4.87 10.43
CA HIS A 311 7.71 -4.05 11.62
C HIS A 311 9.08 -4.34 12.26
N GLU A 312 9.84 -3.30 12.62
CA GLU A 312 11.26 -3.47 13.07
C GLU A 312 11.36 -3.77 14.55
N ASN A 313 11.59 -5.06 14.87
CA ASN A 313 11.62 -5.57 16.28
C ASN A 313 11.93 -7.07 16.41
N LYS A 314 12.87 -7.40 17.29
CA LYS A 314 13.39 -8.77 17.38
C LYS A 314 14.09 -9.13 18.70
N GLY A 315 15.01 -10.08 18.63
CA GLY A 315 15.77 -10.55 19.78
C GLY A 315 15.00 -11.42 20.75
N ASP A 316 15.74 -12.20 21.53
CA ASP A 316 15.26 -13.04 22.64
C ASP A 316 13.99 -12.55 23.36
N GLU A 317 14.14 -11.83 24.48
CA GLU A 317 13.04 -11.31 25.32
C GLU A 317 11.75 -10.93 24.57
N HIS A 318 11.93 -10.43 23.35
CA HIS A 318 10.82 -10.24 22.43
C HIS A 318 10.24 -11.64 22.12
N ILE A 319 10.88 -12.31 21.17
CA ILE A 319 10.49 -13.62 20.63
C ILE A 319 10.31 -14.73 21.68
N ARG A 320 11.08 -14.67 22.76
CA ARG A 320 11.00 -15.66 23.83
C ARG A 320 9.75 -15.47 24.71
N ASP A 321 9.56 -14.26 25.23
CA ASP A 321 8.49 -14.00 26.19
C ASP A 321 7.18 -13.95 25.43
N MET A 322 7.32 -13.66 24.13
CA MET A 322 6.30 -13.94 23.15
C MET A 322 5.73 -15.35 23.33
N LEU A 323 6.62 -16.33 23.45
CA LEU A 323 6.22 -17.73 23.56
C LEU A 323 5.67 -18.02 24.96
N LEU A 324 6.42 -17.63 25.98
CA LEU A 324 6.06 -17.89 27.39
C LEU A 324 4.69 -17.34 27.75
N ALA A 325 4.45 -16.06 27.44
CA ALA A 325 3.16 -15.43 27.73
C ALA A 325 1.99 -16.25 27.18
N CYS A 326 2.11 -16.64 25.91
CA CYS A 326 1.05 -17.32 25.18
C CYS A 326 0.71 -18.68 25.76
N LEU A 327 1.71 -19.56 25.89
CA LEU A 327 1.50 -20.92 26.39
C LEU A 327 1.07 -20.95 27.85
N ALA A 328 1.40 -19.89 28.57
CA ALA A 328 0.92 -19.66 29.92
C ALA A 328 -0.59 -19.46 29.91
N THR A 329 -1.07 -18.56 29.06
CA THR A 329 -2.51 -18.29 28.97
C THR A 329 -3.32 -19.54 28.61
N VAL A 330 -2.73 -20.44 27.82
CA VAL A 330 -3.37 -21.71 27.48
C VAL A 330 -3.34 -22.66 28.69
N TYR A 331 -2.18 -22.77 29.31
CA TYR A 331 -2.03 -23.64 30.45
C TYR A 331 -3.10 -23.35 31.50
N HIS A 332 -3.54 -22.09 31.53
CA HIS A 332 -4.38 -21.61 32.61
C HIS A 332 -5.83 -21.46 32.25
N SER A 333 -6.18 -21.78 31.01
CA SER A 333 -7.56 -21.60 30.62
C SER A 333 -8.42 -22.53 31.40
N LYS A 334 -9.63 -22.07 31.70
CA LYS A 334 -10.65 -22.90 32.33
C LYS A 334 -11.18 -23.92 31.31
N LEU A 335 -10.53 -24.00 30.15
CA LEU A 335 -10.96 -24.90 29.07
C LEU A 335 -9.96 -26.04 28.77
N ALA A 336 -8.75 -25.90 29.29
CA ALA A 336 -7.68 -26.87 29.11
C ALA A 336 -8.01 -28.24 29.69
N THR A 337 -7.83 -29.26 28.86
CA THR A 337 -7.89 -30.64 29.28
C THR A 337 -6.46 -30.99 29.67
N GLU A 338 -6.30 -31.93 30.59
CA GLU A 338 -4.97 -32.24 31.15
C GLU A 338 -3.84 -32.33 30.11
N GLU A 339 -4.07 -33.09 29.05
CA GLU A 339 -3.07 -33.29 27.99
C GLU A 339 -2.64 -31.98 27.33
N VAL A 340 -3.57 -31.03 27.24
CA VAL A 340 -3.23 -29.70 26.72
C VAL A 340 -2.28 -28.99 27.68
N ARG A 341 -2.61 -29.01 28.96
CA ARG A 341 -1.75 -28.40 29.96
C ARG A 341 -0.31 -28.93 29.87
N GLN A 342 -0.18 -30.24 29.81
CA GLN A 342 1.10 -30.92 29.80
C GLN A 342 1.93 -30.66 28.53
N SER A 343 1.33 -30.93 27.38
CA SER A 343 1.94 -30.66 26.08
C SER A 343 2.60 -29.30 26.08
N VAL A 344 1.87 -28.33 26.63
CA VAL A 344 2.30 -26.94 26.74
C VAL A 344 3.37 -26.74 27.81
N LEU A 345 3.21 -27.37 28.97
CA LEU A 345 4.21 -27.31 30.04
C LEU A 345 5.60 -27.61 29.44
N GLU A 346 5.70 -28.72 28.71
CA GLU A 346 6.96 -29.22 28.16
C GLU A 346 7.77 -28.19 27.36
N GLU A 347 7.09 -27.51 26.44
CA GLU A 347 7.71 -26.53 25.53
C GLU A 347 8.34 -25.37 26.29
N LEU A 348 7.75 -25.11 27.47
CA LEU A 348 8.18 -24.02 28.33
C LEU A 348 9.47 -24.38 29.06
N GLN A 349 9.37 -25.32 29.99
CA GLN A 349 10.51 -25.73 30.82
C GLN A 349 11.57 -26.52 30.05
N ALA A 350 11.20 -26.99 28.86
CA ALA A 350 12.17 -27.52 27.91
C ALA A 350 12.44 -26.46 26.82
N ALA A 351 12.61 -25.23 27.27
CA ALA A 351 13.15 -24.11 26.50
C ALA A 351 13.50 -22.98 27.49
N GLY A 352 13.61 -23.34 28.77
CA GLY A 352 13.83 -22.38 29.86
C GLY A 352 12.55 -21.88 30.52
N ALA A 353 12.22 -22.47 31.66
CA ALA A 353 11.14 -22.01 32.55
C ALA A 353 11.51 -22.50 33.92
N LEU A 354 12.83 -22.63 34.09
CA LEU A 354 13.48 -23.14 35.30
C LEU A 354 12.90 -24.42 36.00
N ALA A 355 12.23 -25.31 35.24
CA ALA A 355 11.96 -26.74 35.63
C ALA A 355 11.81 -27.11 37.15
N PRO A 356 11.33 -28.33 37.50
CA PRO A 356 10.87 -29.58 36.83
C PRO A 356 9.41 -29.66 36.30
N GLY A 357 8.38 -29.22 37.03
CA GLY A 357 8.42 -28.73 38.41
C GLY A 357 8.12 -27.25 38.50
N GLU A 358 7.77 -26.67 37.36
CA GLU A 358 7.58 -25.23 37.28
C GLU A 358 6.34 -24.90 36.48
N GLU A 359 5.71 -23.79 36.84
CA GLU A 359 4.52 -23.34 36.14
C GLU A 359 4.68 -21.89 35.79
N PRO A 360 4.08 -21.49 34.66
CA PRO A 360 4.12 -20.08 34.30
C PRO A 360 3.27 -19.32 35.31
N PRO A 361 3.61 -18.05 35.57
CA PRO A 361 2.68 -17.29 36.39
C PRO A 361 1.33 -17.20 35.68
N PRO A 362 0.23 -17.43 36.42
CA PRO A 362 -1.13 -17.32 35.86
C PRO A 362 -1.39 -15.99 35.11
N PRO A 363 -2.47 -15.92 34.34
CA PRO A 363 -2.71 -14.65 33.68
C PRO A 363 -3.18 -13.61 34.70
N VAL A 364 -2.81 -12.35 34.48
CA VAL A 364 -3.37 -11.25 35.27
C VAL A 364 -4.26 -10.45 34.33
N LEU A 365 -5.57 -10.55 34.55
CA LEU A 365 -6.56 -9.99 33.62
C LEU A 365 -7.34 -8.83 34.23
N TYR A 366 -7.53 -7.75 33.47
CA TYR A 366 -8.47 -6.71 33.89
C TYR A 366 -9.89 -7.22 33.61
N PRO A 367 -10.92 -6.68 34.29
CA PRO A 367 -12.27 -7.13 33.97
C PRO A 367 -12.82 -6.36 32.77
N PRO A 368 -13.91 -6.86 32.16
CA PRO A 368 -14.53 -6.23 31.01
C PRO A 368 -14.92 -4.80 31.26
N LEU A 369 -14.95 -4.00 30.21
CA LEU A 369 -15.21 -2.58 30.38
C LEU A 369 -16.68 -2.25 30.52
N SER A 370 -17.54 -3.23 30.27
CA SER A 370 -18.98 -3.08 30.50
C SER A 370 -19.21 -2.60 31.94
N SER A 371 -18.49 -3.24 32.86
CA SER A 371 -18.30 -2.74 34.22
C SER A 371 -18.32 -1.20 34.26
N LEU A 372 -17.43 -0.55 33.53
CA LEU A 372 -17.23 0.90 33.69
C LEU A 372 -18.43 1.81 33.37
N ASP A 373 -18.88 2.55 34.38
CA ASP A 373 -19.84 3.64 34.18
C ASP A 373 -19.31 4.72 33.21
N LEU A 374 -19.75 4.65 31.95
CA LEU A 374 -19.41 5.66 30.94
C LEU A 374 -19.99 7.04 31.16
N GLN A 375 -21.11 7.14 31.87
CA GLN A 375 -21.65 8.45 32.15
C GLN A 375 -20.75 9.23 33.10
N ALA A 376 -20.39 8.58 34.20
CA ALA A 376 -19.44 9.13 35.17
C ALA A 376 -18.18 9.55 34.43
N VAL A 377 -17.80 8.79 33.43
CA VAL A 377 -16.62 9.14 32.71
C VAL A 377 -16.89 10.44 31.95
N ARG A 378 -17.98 10.49 31.19
CA ARG A 378 -18.25 11.70 30.44
C ARG A 378 -18.33 12.94 31.37
N LYS A 379 -19.02 12.81 32.50
CA LYS A 379 -19.07 13.85 33.55
C LYS A 379 -17.68 14.22 34.08
N ALA A 380 -16.84 13.21 34.33
CA ALA A 380 -15.48 13.40 34.86
C ALA A 380 -14.50 14.07 33.88
N LEU A 381 -14.86 14.12 32.60
CA LEU A 381 -13.94 14.65 31.58
C LEU A 381 -14.39 15.91 30.87
N ARG A 382 -15.62 16.36 31.17
CA ARG A 382 -16.15 17.67 30.68
C ARG A 382 -15.12 18.78 30.32
N GLY A 383 -14.43 19.31 31.33
CA GLY A 383 -13.50 20.42 31.12
C GLY A 383 -12.17 20.13 30.43
N HIS A 384 -12.02 18.94 29.84
CA HIS A 384 -10.73 18.57 29.25
C HIS A 384 -10.86 18.05 27.80
N PHE A 385 -12.08 17.80 27.32
CA PHE A 385 -12.22 17.25 25.98
C PHE A 385 -11.62 18.25 24.97
N SER A 386 -11.41 19.49 25.39
CA SER A 386 -10.65 20.45 24.58
C SER A 386 -9.27 19.87 24.20
N ARG A 387 -8.57 19.35 25.22
CA ARG A 387 -7.16 18.97 25.11
C ARG A 387 -6.92 17.58 24.53
N PHE A 388 -7.92 16.73 24.58
CA PHE A 388 -7.86 15.45 23.88
C PHE A 388 -8.24 15.68 22.45
N ARG A 389 -9.24 16.54 22.25
CA ARG A 389 -9.72 16.87 20.91
C ARG A 389 -8.63 17.65 20.23
N VAL A 390 -8.31 17.20 19.04
CA VAL A 390 -7.45 17.99 18.21
C VAL A 390 -8.29 18.59 17.12
N PRO A 391 -8.43 19.93 17.20
CA PRO A 391 -8.96 20.74 16.12
C PRO A 391 -8.13 20.37 14.89
N MET B 1 -7.75 11.31 -2.45
CA MET B 1 -6.33 11.71 -2.43
C MET B 1 -6.16 13.19 -2.30
N ARG B 2 -5.52 13.59 -1.21
CA ARG B 2 -5.11 14.96 -1.02
C ARG B 2 -3.64 15.07 -1.40
N LEU B 3 -3.22 16.10 -2.11
CA LEU B 3 -1.78 16.32 -2.30
C LEU B 3 -1.41 17.81 -2.29
N GLU B 4 -0.14 18.11 -2.05
CA GLU B 4 0.25 19.50 -1.95
C GLU B 4 0.20 20.16 -3.33
N ILE B 5 -0.13 21.45 -3.36
CA ILE B 5 0.00 22.22 -4.60
C ILE B 5 1.47 22.35 -5.01
N PRO B 6 1.75 22.30 -6.31
CA PRO B 6 3.17 22.43 -6.59
C PRO B 6 3.67 23.86 -6.30
N ASN B 7 4.79 23.96 -5.59
CA ASN B 7 5.29 25.25 -5.13
C ASN B 7 5.35 26.29 -6.24
N HIS B 8 6.04 25.95 -7.33
CA HIS B 8 6.10 26.79 -8.53
C HIS B 8 5.86 25.98 -9.81
N THR B 9 5.98 26.60 -10.99
CA THR B 9 5.75 25.89 -12.27
C THR B 9 6.55 26.47 -13.40
N GLU B 10 7.32 25.62 -14.08
CA GLU B 10 8.17 26.05 -15.18
C GLU B 10 7.37 26.10 -16.48
N ARG B 11 7.02 27.29 -16.94
CA ARG B 11 6.41 27.44 -18.26
C ARG B 11 7.54 27.52 -19.28
N PHE B 12 7.42 26.70 -20.32
CA PHE B 12 8.41 26.55 -21.38
C PHE B 12 7.68 26.29 -22.72
N GLY B 13 7.51 27.33 -23.53
CA GLY B 13 6.60 27.28 -24.67
C GLY B 13 5.23 26.95 -24.12
N VAL B 14 4.50 26.07 -24.80
CA VAL B 14 3.27 25.53 -24.22
C VAL B 14 3.44 24.40 -23.16
N VAL B 15 4.67 24.00 -22.88
CA VAL B 15 4.90 23.04 -21.80
C VAL B 15 4.91 23.80 -20.48
N ARG B 16 4.26 23.24 -19.47
CA ARG B 16 4.53 23.61 -18.10
C ARG B 16 4.89 22.42 -17.25
N LEU B 17 6.13 22.43 -16.73
CA LEU B 17 6.59 21.44 -15.74
C LEU B 17 6.14 21.90 -14.39
N HIS B 18 5.37 21.08 -13.70
CA HIS B 18 5.07 21.35 -12.30
C HIS B 18 6.14 20.86 -11.34
N GLU B 19 6.48 21.68 -10.35
CA GLU B 19 7.33 21.24 -9.25
C GLU B 19 6.71 20.02 -8.57
N VAL B 20 7.49 19.28 -7.79
CA VAL B 20 7.00 18.10 -7.08
C VAL B 20 5.83 18.43 -6.17
N GLN B 21 4.81 17.58 -6.21
CA GLN B 21 3.72 17.58 -5.25
C GLN B 21 3.81 16.36 -4.37
N ARG B 22 3.89 16.56 -3.08
CA ARG B 22 3.81 15.43 -2.17
C ARG B 22 2.35 14.97 -1.97
N ILE B 23 2.11 13.67 -2.03
CA ILE B 23 0.80 13.16 -1.64
C ILE B 23 0.69 13.34 -0.13
N LEU B 24 -0.35 13.99 0.36
CA LEU B 24 -0.38 14.15 1.80
C LEU B 24 -1.23 13.12 2.46
N GLU B 25 -2.28 12.69 1.78
CA GLU B 25 -3.28 11.75 2.33
C GLU B 25 -3.53 10.72 1.29
N LEU B 26 -3.51 9.46 1.69
CA LEU B 26 -3.55 8.43 0.66
C LEU B 26 -4.86 8.41 -0.07
N ASP B 27 -5.94 8.71 0.67
CA ASP B 27 -7.31 8.63 0.27
C ASP B 27 -8.08 9.68 1.04
N SER B 28 -8.53 10.73 0.38
CA SER B 28 -9.25 11.84 1.05
C SER B 28 -10.74 11.60 1.23
N GLY B 29 -11.20 10.48 0.70
CA GLY B 29 -12.59 10.11 0.77
C GLY B 29 -13.49 10.80 -0.24
N ARG B 30 -14.74 10.98 0.20
CA ARG B 30 -15.87 11.44 -0.62
C ARG B 30 -16.23 12.86 -0.25
N VAL B 31 -15.97 13.79 -1.17
CA VAL B 31 -16.40 15.20 -0.95
C VAL B 31 -17.93 15.31 -1.09
N ARG B 32 -18.56 16.12 -0.24
CA ARG B 32 -20.00 16.34 -0.40
C ARG B 32 -20.27 17.81 -0.23
N ASP B 33 -19.19 18.50 0.13
CA ASP B 33 -19.13 19.96 0.31
C ASP B 33 -17.68 20.29 0.39
N GLU B 34 -17.39 21.58 0.31
CA GLU B 34 -16.00 21.97 0.27
C GLU B 34 -15.70 23.15 1.19
N SER B 35 -14.55 23.02 1.85
CA SER B 35 -13.82 24.18 2.38
C SER B 35 -12.38 24.21 1.75
N PRO B 36 -12.27 23.79 0.43
CA PRO B 36 -11.01 23.29 -0.25
C PRO B 36 -9.69 24.09 0.02
N ALA B 37 -9.39 24.28 1.33
CA ALA B 37 -8.26 25.10 1.86
C ALA B 37 -7.11 25.08 0.88
N VAL B 38 -7.05 26.14 0.07
CA VAL B 38 -6.28 26.10 -1.16
C VAL B 38 -4.76 25.75 -0.94
N GLY B 39 -4.33 25.54 0.32
CA GLY B 39 -2.99 24.96 0.57
C GLY B 39 -2.76 23.69 -0.29
N LEU B 40 -3.83 22.93 -0.55
CA LEU B 40 -3.69 21.63 -1.20
C LEU B 40 -4.76 21.30 -2.21
N ARG B 41 -4.66 20.13 -2.83
CA ARG B 41 -5.66 19.62 -3.76
C ARG B 41 -6.33 18.42 -3.13
N ARG B 42 -7.64 18.50 -2.84
CA ARG B 42 -8.42 17.36 -2.34
C ARG B 42 -9.10 16.74 -3.52
N LEU B 43 -8.92 15.45 -3.73
CA LEU B 43 -9.47 14.81 -4.93
C LEU B 43 -10.52 13.75 -4.67
N ASP B 44 -11.72 13.91 -5.22
CA ASP B 44 -12.85 13.02 -4.93
C ASP B 44 -12.65 11.66 -5.48
N ASP B 45 -13.08 10.68 -4.74
CA ASP B 45 -12.83 9.32 -5.10
C ASP B 45 -13.59 8.93 -6.35
N ALA B 46 -14.81 9.43 -6.51
CA ALA B 46 -15.58 9.23 -7.75
C ALA B 46 -14.83 9.73 -8.99
N ASP B 47 -14.42 11.00 -8.96
CA ASP B 47 -13.59 11.59 -9.99
C ASP B 47 -12.35 10.77 -10.30
N LEU B 48 -11.67 10.29 -9.26
CA LEU B 48 -10.49 9.44 -9.43
C LEU B 48 -10.81 8.19 -10.22
N ARG B 49 -11.82 7.45 -9.76
CA ARG B 49 -12.22 6.25 -10.45
C ARG B 49 -12.78 6.49 -11.86
N ASP B 50 -13.56 7.56 -12.07
CA ASP B 50 -13.96 7.97 -13.43
C ASP B 50 -12.75 8.07 -14.31
N VAL B 51 -11.69 8.73 -13.85
CA VAL B 51 -10.45 8.74 -14.62
C VAL B 51 -9.88 7.32 -14.78
N LEU B 52 -9.89 6.55 -13.67
CA LEU B 52 -9.24 5.26 -13.79
C LEU B 52 -9.95 4.40 -14.83
N GLU B 53 -11.29 4.49 -14.86
CA GLU B 53 -12.15 3.81 -15.84
C GLU B 53 -11.73 4.03 -17.27
N GLN B 54 -10.92 5.06 -17.55
CA GLN B 54 -10.40 5.22 -18.90
C GLN B 54 -8.88 5.23 -19.00
N THR B 55 -8.25 4.49 -18.09
CA THR B 55 -6.80 4.39 -18.02
C THR B 55 -6.37 2.97 -18.27
N ALA B 56 -5.42 2.78 -19.17
CA ALA B 56 -4.72 1.51 -19.30
C ALA B 56 -3.52 1.48 -18.36
N ILE B 57 -3.32 0.35 -17.67
CA ILE B 57 -2.09 0.17 -16.87
C ILE B 57 -1.25 -0.96 -17.46
N VAL B 58 -0.13 -0.59 -18.07
CA VAL B 58 0.79 -1.56 -18.62
C VAL B 58 1.68 -2.08 -17.52
N VAL B 59 1.78 -3.40 -17.38
CA VAL B 59 2.76 -4.05 -16.49
C VAL B 59 3.76 -4.87 -17.31
N PRO B 60 4.97 -4.33 -17.53
CA PRO B 60 5.94 -5.12 -18.30
C PRO B 60 6.51 -6.22 -17.45
N THR B 61 6.95 -7.29 -18.10
CA THR B 61 7.59 -8.42 -17.47
C THR B 61 8.57 -9.13 -18.42
N ARG B 62 9.79 -9.35 -17.94
CA ARG B 62 10.76 -10.12 -18.64
C ARG B 62 11.28 -11.20 -17.71
N ASN B 63 10.45 -12.21 -17.46
CA ASN B 63 10.84 -13.34 -16.60
C ASN B 63 10.77 -12.99 -15.15
N GLU B 64 9.65 -12.40 -14.77
CA GLU B 64 9.43 -11.94 -13.41
C GLU B 64 9.01 -13.05 -12.48
N ARG B 65 9.47 -13.02 -11.22
CA ARG B 65 8.91 -13.90 -10.21
C ARG B 65 7.39 -13.79 -10.47
N LEU B 66 6.65 -14.87 -10.28
CA LEU B 66 5.20 -14.81 -10.52
C LEU B 66 4.38 -14.31 -9.31
N LYS B 67 4.73 -14.79 -8.11
CA LYS B 67 4.16 -14.26 -6.90
C LYS B 67 4.32 -12.77 -6.88
N LEU B 68 5.46 -12.32 -7.34
CA LEU B 68 5.75 -10.91 -7.41
C LEU B 68 4.82 -10.19 -8.37
N LEU B 69 4.42 -10.85 -9.44
CA LEU B 69 3.63 -10.20 -10.48
C LEU B 69 2.13 -10.23 -10.21
N GLU B 70 1.67 -11.33 -9.61
CA GLU B 70 0.29 -11.46 -9.15
C GLU B 70 0.09 -10.36 -8.14
N GLY B 71 0.94 -10.35 -7.11
CA GLY B 71 0.93 -9.30 -6.11
C GLY B 71 0.68 -7.93 -6.72
N VAL B 72 1.48 -7.58 -7.72
CA VAL B 72 1.32 -6.29 -8.34
C VAL B 72 -0.09 -6.10 -8.89
N LEU B 73 -0.56 -6.99 -9.77
CA LEU B 73 -1.93 -6.99 -10.33
C LEU B 73 -3.03 -6.81 -9.28
N SER B 74 -2.91 -7.54 -8.17
CA SER B 74 -3.85 -7.36 -7.06
C SER B 74 -3.97 -5.89 -6.58
N GLY B 75 -2.95 -5.09 -6.89
CA GLY B 75 -2.88 -3.76 -6.34
C GLY B 75 -3.32 -2.74 -7.34
N ILE B 76 -3.53 -3.15 -8.58
CA ILE B 76 -4.16 -2.27 -9.55
C ILE B 76 -5.64 -1.95 -9.22
N PRO B 77 -6.00 -0.67 -9.14
CA PRO B 77 -7.42 -0.36 -9.00
C PRO B 77 -8.31 -0.99 -10.05
N HIS B 78 -9.50 -1.37 -9.58
CA HIS B 78 -10.47 -2.08 -10.38
C HIS B 78 -10.73 -1.42 -11.71
N GLU B 79 -10.89 -0.11 -11.72
CA GLU B 79 -11.42 0.49 -12.92
C GLU B 79 -10.42 0.52 -14.09
N ALA B 80 -9.18 0.12 -13.83
CA ALA B 80 -8.14 0.25 -14.85
C ALA B 80 -8.05 -0.99 -15.74
N LEU B 81 -7.79 -0.79 -17.03
CA LEU B 81 -7.51 -1.89 -17.91
C LEU B 81 -6.08 -2.45 -17.75
N ILE B 82 -5.97 -3.75 -17.43
CA ILE B 82 -4.65 -4.34 -17.17
C ILE B 82 -3.97 -4.85 -18.44
N LEU B 83 -2.79 -4.33 -18.72
CA LEU B 83 -2.02 -4.74 -19.89
C LEU B 83 -0.73 -5.34 -19.48
N VAL B 84 -0.59 -6.67 -19.60
CA VAL B 84 0.68 -7.31 -19.27
C VAL B 84 1.49 -7.38 -20.55
N ALA B 85 2.66 -6.74 -20.55
CA ALA B 85 3.52 -6.71 -21.74
C ALA B 85 4.74 -7.62 -21.56
N SER B 86 4.65 -8.85 -22.02
CA SER B 86 5.71 -9.81 -21.79
C SER B 86 6.78 -9.82 -22.88
N ASN B 87 7.99 -10.21 -22.50
CA ASN B 87 9.07 -10.55 -23.41
C ASN B 87 9.87 -11.62 -22.70
N SER B 88 9.15 -12.43 -21.91
CA SER B 88 9.75 -13.45 -21.09
C SER B 88 10.12 -14.59 -21.97
N SER B 89 10.80 -15.56 -21.35
CA SER B 89 11.01 -16.87 -21.91
C SER B 89 9.67 -17.48 -22.30
N PRO B 90 9.63 -18.25 -23.40
CA PRO B 90 8.46 -18.89 -23.94
C PRO B 90 7.48 -19.43 -22.92
N ASP B 91 7.89 -20.34 -22.05
CA ASP B 91 6.93 -20.93 -21.12
C ASP B 91 6.76 -20.15 -19.86
N ARG B 92 7.75 -19.33 -19.47
CA ARG B 92 7.46 -18.35 -18.44
C ARG B 92 6.24 -17.53 -18.91
N PHE B 93 6.23 -17.16 -20.18
CA PHE B 93 5.10 -16.43 -20.79
C PHE B 93 3.79 -17.19 -20.76
N GLN B 94 3.84 -18.52 -20.86
CA GLN B 94 2.61 -19.29 -20.77
C GLN B 94 2.07 -19.20 -19.35
N MET B 95 2.95 -19.41 -18.38
CA MET B 95 2.65 -19.15 -16.99
C MET B 95 2.04 -17.77 -16.79
N GLU B 96 2.50 -16.81 -17.57
CA GLU B 96 2.02 -15.44 -17.48
C GLU B 96 0.56 -15.30 -17.90
N ARG B 97 0.20 -15.81 -19.08
CA ARG B 97 -1.20 -15.80 -19.54
C ARG B 97 -2.08 -16.49 -18.51
N ASP B 98 -1.65 -17.67 -18.08
CA ASP B 98 -2.36 -18.39 -17.03
C ASP B 98 -2.62 -17.49 -15.84
N LEU B 99 -1.56 -17.05 -15.20
CA LEU B 99 -1.60 -16.16 -14.05
C LEU B 99 -2.58 -15.03 -14.24
N LEU B 100 -2.58 -14.40 -15.41
CA LEU B 100 -3.47 -13.28 -15.63
C LEU B 100 -4.91 -13.71 -15.94
N GLU B 101 -5.09 -14.84 -16.62
CA GLU B 101 -6.46 -15.27 -16.90
C GLU B 101 -7.19 -15.58 -15.58
N GLU B 102 -6.49 -16.26 -14.68
CA GLU B 102 -7.02 -16.61 -13.40
C GLU B 102 -7.33 -15.38 -12.56
N PHE B 103 -6.50 -14.36 -12.72
CA PHE B 103 -6.70 -13.15 -11.96
C PHE B 103 -7.95 -12.49 -12.44
N ALA B 104 -7.95 -12.11 -13.72
CA ALA B 104 -9.04 -11.39 -14.38
C ALA B 104 -10.36 -12.13 -14.25
N HIS B 105 -10.33 -13.45 -14.32
CA HIS B 105 -11.55 -14.23 -14.08
C HIS B 105 -12.16 -13.99 -12.72
N LEU B 106 -11.40 -14.32 -11.67
CA LEU B 106 -11.88 -14.19 -10.30
C LEU B 106 -12.25 -12.77 -9.91
N THR B 107 -11.51 -11.79 -10.43
CA THR B 107 -11.75 -10.40 -10.09
C THR B 107 -12.71 -9.78 -11.08
N GLU B 108 -13.28 -10.59 -11.96
CA GLU B 108 -14.30 -10.14 -12.87
C GLU B 108 -13.86 -8.91 -13.69
N ARG B 109 -12.73 -8.99 -14.40
CA ARG B 109 -12.24 -7.81 -15.14
C ARG B 109 -11.38 -8.04 -16.41
N PRO B 110 -11.40 -7.09 -17.36
CA PRO B 110 -10.71 -7.36 -18.62
C PRO B 110 -9.21 -7.11 -18.56
N ALA B 111 -8.44 -8.04 -19.11
CA ALA B 111 -7.04 -7.76 -19.32
C ALA B 111 -6.64 -7.99 -20.76
N LEU B 112 -5.52 -7.42 -21.13
CA LEU B 112 -4.83 -7.82 -22.35
C LEU B 112 -3.48 -8.33 -21.93
N ILE B 113 -2.91 -9.16 -22.79
CA ILE B 113 -1.53 -9.64 -22.66
C ILE B 113 -0.97 -9.97 -24.01
N PHE B 114 0.22 -9.47 -24.26
CA PHE B 114 0.90 -9.74 -25.51
C PHE B 114 2.36 -9.97 -25.21
N HIS B 115 3.04 -10.69 -26.10
CA HIS B 115 4.49 -10.93 -26.01
C HIS B 115 5.21 -10.20 -27.12
N GLN B 116 6.14 -9.37 -26.70
CA GLN B 116 6.94 -8.50 -27.57
C GLN B 116 7.43 -9.18 -28.82
N LYS B 117 7.72 -10.46 -28.72
CA LYS B 117 8.34 -11.19 -29.82
C LYS B 117 7.38 -11.93 -30.77
N ASP B 118 6.09 -11.99 -30.40
CA ASP B 118 4.99 -12.48 -31.25
C ASP B 118 5.06 -11.99 -32.70
N PRO B 119 5.13 -12.91 -33.67
CA PRO B 119 5.22 -12.57 -35.08
C PRO B 119 4.04 -11.76 -35.64
N ALA B 120 2.85 -11.90 -35.06
CA ALA B 120 1.68 -11.21 -35.58
C ALA B 120 1.83 -9.72 -35.40
N LEU B 121 2.39 -9.35 -34.25
CA LEU B 121 2.61 -7.94 -33.89
C LEU B 121 3.61 -7.25 -34.84
N ALA B 122 4.57 -7.99 -35.37
CA ALA B 122 5.39 -7.45 -36.45
C ALA B 122 4.50 -7.10 -37.65
N GLU B 123 3.83 -8.11 -38.20
CA GLU B 123 2.91 -7.89 -39.33
C GLU B 123 2.05 -6.68 -39.04
N ALA B 124 1.35 -6.70 -37.91
CA ALA B 124 0.43 -5.63 -37.55
C ALA B 124 1.02 -4.23 -37.78
N LEU B 125 2.21 -3.96 -37.23
CA LEU B 125 2.89 -2.68 -37.44
C LEU B 125 3.28 -2.50 -38.92
N ARG B 126 3.79 -3.55 -39.55
CA ARG B 126 4.10 -3.50 -40.98
C ARG B 126 2.95 -2.84 -41.70
N ALA B 127 1.75 -3.40 -41.49
CA ALA B 127 0.53 -3.02 -42.21
C ALA B 127 0.16 -1.57 -41.95
N GLY B 128 0.30 -1.15 -40.70
CA GLY B 128 0.04 0.24 -40.35
C GLY B 128 1.15 1.18 -40.72
N GLY B 129 2.10 0.70 -41.54
CA GLY B 129 3.24 1.48 -42.01
C GLY B 129 4.09 2.08 -40.91
N TYR B 130 4.32 1.31 -39.85
CA TYR B 130 5.28 1.68 -38.80
C TYR B 130 6.22 0.51 -38.62
N PRO B 131 7.09 0.25 -39.61
CA PRO B 131 7.86 -0.99 -39.63
C PRO B 131 9.10 -0.92 -38.76
N HIS B 132 9.35 0.26 -38.18
CA HIS B 132 10.62 0.60 -37.57
C HIS B 132 11.14 -0.30 -36.45
N PRO B 133 10.27 -0.81 -35.57
CA PRO B 133 10.82 -1.60 -34.47
C PRO B 133 11.08 -3.07 -34.81
N ILE B 134 10.75 -3.45 -36.03
CA ILE B 134 10.95 -4.81 -36.47
C ILE B 134 12.42 -4.96 -36.81
N GLY B 135 13.00 -6.10 -36.50
CA GLY B 135 14.43 -6.28 -36.69
C GLY B 135 14.78 -7.37 -37.68
N GLU B 136 16.08 -7.60 -37.79
CA GLU B 136 16.66 -8.62 -38.67
C GLU B 136 15.82 -9.90 -38.80
N ASP B 137 15.57 -10.57 -37.67
CA ASP B 137 14.81 -11.82 -37.67
C ASP B 137 13.33 -11.65 -38.11
N GLY B 138 12.97 -10.43 -38.52
CA GLY B 138 11.60 -10.15 -38.94
C GLY B 138 10.65 -9.96 -37.78
N LEU B 139 11.21 -9.83 -36.58
CA LEU B 139 10.44 -9.61 -35.35
C LEU B 139 10.84 -8.30 -34.69
N VAL B 140 9.95 -7.81 -33.82
CA VAL B 140 10.19 -6.63 -33.01
C VAL B 140 11.37 -6.92 -32.08
N ARG B 141 12.32 -5.98 -32.05
CA ARG B 141 13.49 -6.15 -31.20
C ARG B 141 13.16 -5.92 -29.74
N SER B 142 13.98 -6.50 -28.88
CA SER B 142 13.81 -6.34 -27.44
C SER B 142 14.30 -4.95 -27.04
N GLY B 143 13.70 -4.38 -26.01
CA GLY B 143 14.14 -3.09 -25.53
C GLY B 143 12.98 -2.36 -24.90
N LYS B 144 13.28 -1.48 -23.94
CA LYS B 144 12.21 -0.77 -23.23
C LYS B 144 11.32 -0.05 -24.27
N ALA B 145 11.95 0.74 -25.13
CA ALA B 145 11.29 1.48 -26.22
C ALA B 145 10.28 0.65 -27.01
N GLU B 146 10.73 -0.48 -27.53
CA GLU B 146 9.89 -1.40 -28.30
C GLU B 146 8.68 -1.91 -27.49
N GLY B 147 8.91 -2.30 -26.23
CA GLY B 147 7.81 -2.65 -25.34
C GLY B 147 6.69 -1.62 -25.39
N MET B 148 7.04 -0.39 -25.03
CA MET B 148 6.10 0.72 -25.00
C MET B 148 5.33 0.91 -26.28
N ILE B 149 6.02 0.68 -27.41
CA ILE B 149 5.39 0.89 -28.68
C ILE B 149 4.23 -0.05 -28.74
N LEU B 150 4.48 -1.34 -28.50
CA LEU B 150 3.39 -2.33 -28.52
C LEU B 150 2.29 -1.98 -27.50
N ALA B 151 2.68 -1.53 -26.34
CA ALA B 151 1.73 -1.13 -25.31
C ALA B 151 0.87 0.07 -25.70
N LEU B 152 1.42 1.02 -26.45
CA LEU B 152 0.63 2.19 -26.79
C LEU B 152 -0.41 1.73 -27.80
N VAL B 153 0.04 0.89 -28.72
CA VAL B 153 -0.87 0.34 -29.72
C VAL B 153 -2.12 -0.25 -29.06
N PHE B 154 -1.97 -1.10 -28.05
CA PHE B 154 -3.15 -1.75 -27.48
C PHE B 154 -3.99 -0.73 -26.76
N ALA B 155 -3.31 0.13 -26.00
CA ALA B 155 -3.98 1.19 -25.27
C ALA B 155 -4.90 1.86 -26.29
N ALA B 156 -4.31 2.35 -27.39
CA ALA B 156 -5.09 2.99 -28.44
C ALA B 156 -6.26 2.09 -28.82
N LEU B 157 -5.97 0.87 -29.27
CA LEU B 157 -6.98 0.00 -29.85
C LEU B 157 -8.12 -0.22 -28.88
N SER B 158 -7.81 -0.22 -27.60
CA SER B 158 -8.82 -0.56 -26.63
C SER B 158 -9.54 0.70 -26.18
N GLY B 159 -9.29 1.78 -26.90
CA GLY B 159 -9.95 3.04 -26.63
C GLY B 159 -9.84 3.61 -25.25
N ARG B 160 -8.77 3.31 -24.52
CA ARG B 160 -8.58 3.99 -23.25
C ARG B 160 -7.89 5.34 -23.51
N ARG B 161 -8.02 6.27 -22.59
CA ARG B 161 -7.64 7.67 -22.86
C ARG B 161 -6.27 7.94 -22.29
N TYR B 162 -5.97 7.23 -21.20
CA TYR B 162 -4.76 7.41 -20.38
C TYR B 162 -4.04 6.12 -20.23
N VAL B 163 -2.73 6.14 -20.44
CA VAL B 163 -1.94 4.94 -20.20
C VAL B 163 -0.87 5.23 -19.16
N GLY B 164 -0.69 4.31 -18.24
CA GLY B 164 0.34 4.47 -17.24
C GLY B 164 1.12 3.21 -17.20
N PHE B 165 2.42 3.29 -16.97
CA PHE B 165 3.21 2.10 -16.69
C PHE B 165 3.53 1.84 -15.23
N ILE B 166 3.67 0.57 -14.89
CA ILE B 166 3.87 0.11 -13.52
C ILE B 166 4.89 -1.02 -13.50
N ASP B 167 5.72 -1.01 -12.47
CA ASP B 167 6.84 -1.93 -12.31
C ASP B 167 6.44 -3.22 -11.58
N ALA B 168 6.50 -4.35 -12.24
CA ALA B 168 6.13 -5.60 -11.59
C ALA B 168 7.01 -5.91 -10.36
N ASP B 169 8.17 -5.26 -10.29
CA ASP B 169 9.20 -5.51 -9.28
C ASP B 169 8.76 -5.28 -7.83
N ASN B 170 7.57 -4.74 -7.64
CA ASN B 170 7.14 -4.19 -6.36
C ASN B 170 6.70 -5.23 -5.30
N TYR B 171 7.33 -5.22 -4.13
CA TYR B 171 6.89 -6.13 -3.06
C TYR B 171 5.54 -5.76 -2.40
N PHE B 172 5.01 -4.56 -2.74
CA PHE B 172 3.85 -3.97 -2.05
C PHE B 172 2.68 -3.53 -2.96
N PRO B 173 1.65 -4.38 -3.10
CA PRO B 173 0.45 -4.05 -3.86
C PRO B 173 -0.14 -2.73 -3.43
N GLY B 174 -0.10 -2.45 -2.14
CA GLY B 174 -0.53 -1.19 -1.57
C GLY B 174 0.21 -0.01 -2.16
N ALA B 175 1.49 -0.19 -2.50
CA ALA B 175 2.23 0.82 -3.22
C ALA B 175 1.63 0.95 -4.62
N VAL B 176 1.71 -0.11 -5.41
CA VAL B 176 1.00 -0.13 -6.69
C VAL B 176 -0.27 0.71 -6.67
N TRP B 177 -1.10 0.51 -5.66
CA TRP B 177 -2.34 1.22 -5.56
C TRP B 177 -2.20 2.74 -5.54
N GLU B 178 -1.53 3.25 -4.50
CA GLU B 178 -1.11 4.67 -4.50
C GLU B 178 -0.52 5.15 -5.83
N TYR B 179 0.45 4.45 -6.38
CA TYR B 179 0.95 4.75 -7.72
C TYR B 179 -0.14 5.03 -8.83
N VAL B 180 -0.95 4.02 -9.10
CA VAL B 180 -2.03 4.15 -10.07
C VAL B 180 -3.02 5.30 -9.72
N ARG B 181 -3.38 5.41 -8.43
CA ARG B 181 -4.20 6.56 -8.07
C ARG B 181 -3.50 7.91 -8.34
N ALA B 182 -2.20 7.96 -8.05
CA ALA B 182 -1.37 9.13 -8.37
C ALA B 182 -1.51 9.51 -9.84
N TYR B 183 -1.35 8.53 -10.73
CA TYR B 183 -1.54 8.77 -12.15
C TYR B 183 -2.88 9.46 -12.40
N ALA B 184 -3.94 8.91 -11.83
CA ALA B 184 -5.29 9.46 -12.03
C ALA B 184 -5.32 10.88 -11.52
N ALA B 185 -4.76 11.08 -10.33
CA ALA B 185 -4.71 12.40 -9.73
C ALA B 185 -4.12 13.44 -10.70
N GLY B 186 -3.00 13.11 -11.33
CA GLY B 186 -2.34 13.99 -12.29
C GLY B 186 -3.24 14.41 -13.43
N PHE B 187 -3.82 13.40 -14.10
CA PHE B 187 -4.80 13.64 -15.15
C PHE B 187 -6.00 14.43 -14.65
N LEU B 188 -6.38 14.25 -13.41
CA LEU B 188 -7.55 14.97 -12.95
C LEU B 188 -7.26 16.46 -12.66
N MET B 189 -6.00 16.79 -12.45
CA MET B 189 -5.59 18.14 -12.14
C MET B 189 -5.17 18.78 -13.44
N ALA B 190 -4.82 17.93 -14.39
CA ALA B 190 -4.47 18.37 -15.73
C ALA B 190 -5.63 19.19 -16.23
N LYS B 191 -5.30 20.26 -16.92
CA LYS B 191 -6.28 21.11 -17.52
C LYS B 191 -6.02 21.10 -19.01
N THR B 192 -5.68 19.93 -19.54
CA THR B 192 -5.34 19.81 -20.95
C THR B 192 -5.36 18.34 -21.36
N PRO B 193 -5.90 18.04 -22.55
CA PRO B 193 -5.85 16.71 -23.13
C PRO B 193 -4.45 16.11 -23.11
N PHE B 194 -3.40 16.93 -23.26
CA PHE B 194 -1.99 16.46 -23.26
C PHE B 194 -1.23 16.58 -21.91
N ALA B 195 -1.16 15.49 -21.15
CA ALA B 195 -0.63 15.52 -19.77
C ALA B 195 0.32 14.36 -19.46
N MET B 196 1.25 14.60 -18.56
CA MET B 196 2.16 13.54 -18.17
C MET B 196 2.18 13.50 -16.69
N VAL B 197 2.23 12.28 -16.13
CA VAL B 197 2.44 12.15 -14.69
C VAL B 197 3.67 11.34 -14.42
N ARG B 198 4.58 11.91 -13.65
CA ARG B 198 5.80 11.22 -13.26
C ARG B 198 5.93 11.09 -11.76
N ILE B 199 6.04 9.83 -11.33
CA ILE B 199 6.17 9.43 -9.93
C ILE B 199 7.63 9.42 -9.50
N LEU B 200 7.91 9.88 -8.29
CA LEU B 200 9.24 9.66 -7.67
C LEU B 200 9.18 9.30 -6.16
N TRP B 201 10.34 9.01 -5.59
CA TRP B 201 10.38 8.79 -4.16
C TRP B 201 11.68 9.32 -3.54
N ARG B 202 11.63 10.40 -2.76
CA ARG B 202 12.85 10.97 -2.09
C ARG B 202 13.49 10.02 -1.09
N GLY B 212 23.00 2.39 2.51
CA GLY B 212 23.45 1.61 1.35
C GLY B 212 24.35 2.45 0.44
N VAL B 213 25.68 2.29 0.60
CA VAL B 213 26.71 2.94 -0.26
C VAL B 213 26.47 2.84 -1.78
N VAL B 214 25.79 1.79 -2.24
CA VAL B 214 25.38 1.69 -3.65
C VAL B 214 24.12 2.53 -3.94
N PHE B 215 23.09 2.47 -3.07
CA PHE B 215 21.94 3.38 -3.22
C PHE B 215 22.44 4.83 -3.25
N ARG B 216 23.49 5.10 -2.48
CA ARG B 216 24.08 6.42 -2.47
C ARG B 216 24.56 6.81 -3.88
N ARG B 217 25.42 5.95 -4.43
CA ARG B 217 25.90 6.07 -5.82
C ARG B 217 24.75 6.22 -6.82
N TYR B 218 23.63 5.53 -6.55
CA TYR B 218 22.45 5.62 -7.38
C TYR B 218 21.75 6.98 -7.22
N GLY B 219 21.53 7.37 -5.95
CA GLY B 219 20.99 8.68 -5.62
C GLY B 219 21.80 9.76 -6.33
N ARG B 220 23.11 9.74 -6.13
CA ARG B 220 24.02 10.69 -6.77
C ARG B 220 23.85 10.74 -8.30
N VAL B 221 23.87 9.57 -8.95
CA VAL B 221 23.75 9.50 -10.40
C VAL B 221 22.50 10.20 -10.92
N SER B 222 21.44 10.08 -10.14
CA SER B 222 20.16 10.69 -10.43
C SER B 222 20.18 12.24 -10.25
N GLU B 223 20.60 12.72 -9.06
CA GLU B 223 20.87 14.16 -8.83
C GLU B 223 21.50 14.73 -10.11
N ARG B 224 22.55 14.07 -10.57
CA ARG B 224 23.28 14.47 -11.74
C ARG B 224 22.42 14.45 -13.01
N ASN B 225 21.57 13.44 -13.13
CA ASN B 225 20.69 13.35 -14.30
C ASN B 225 19.68 14.48 -14.35
N ASN B 226 18.90 14.64 -13.27
CA ASN B 226 17.99 15.79 -13.13
C ASN B 226 18.73 17.14 -13.30
N ARG B 227 19.95 17.25 -12.81
CA ARG B 227 20.74 18.44 -13.06
C ARG B 227 20.93 18.73 -14.54
N ALA B 228 21.36 17.72 -15.29
CA ALA B 228 21.60 17.90 -16.70
C ALA B 228 20.34 18.35 -17.39
N LEU B 229 19.21 17.93 -16.87
CA LEU B 229 17.95 18.24 -17.53
C LEU B 229 17.50 19.67 -17.24
N ASN B 230 17.90 20.21 -16.09
CA ASN B 230 17.59 21.58 -15.75
C ASN B 230 18.50 22.58 -16.35
N GLN B 231 19.64 22.11 -16.78
CA GLN B 231 20.62 22.93 -17.43
C GLN B 231 20.12 23.08 -18.83
N LEU B 232 19.63 21.98 -19.39
CA LEU B 232 19.09 22.04 -20.73
C LEU B 232 18.00 23.10 -20.75
N ILE B 233 17.09 23.05 -19.78
CA ILE B 233 16.03 24.03 -19.74
C ILE B 233 16.57 25.43 -19.52
N GLY B 234 17.22 25.62 -18.38
CA GLY B 234 17.82 26.88 -18.03
C GLY B 234 18.64 27.45 -19.16
N GLY B 235 19.34 26.60 -19.87
CA GLY B 235 20.12 27.04 -21.03
C GLY B 235 19.34 27.80 -22.11
N VAL B 236 18.08 27.48 -22.29
CA VAL B 236 17.27 28.08 -23.36
C VAL B 236 16.50 29.28 -22.82
N SER B 237 15.99 29.18 -21.60
CA SER B 237 15.25 30.27 -21.04
C SER B 237 16.18 31.36 -20.55
N GLY B 238 17.39 30.98 -20.18
CA GLY B 238 18.37 31.92 -19.63
C GLY B 238 18.43 32.05 -18.10
N PHE B 239 17.59 31.28 -17.41
CA PHE B 239 17.46 31.36 -15.96
C PHE B 239 17.43 30.00 -15.34
N GLU B 240 18.26 29.82 -14.32
CA GLU B 240 18.41 28.53 -13.71
C GLU B 240 17.08 28.11 -13.12
N THR B 241 16.70 26.87 -13.34
CA THR B 241 15.52 26.29 -12.68
C THR B 241 15.87 25.06 -11.86
N ASP B 242 15.21 24.87 -10.73
CA ASP B 242 15.47 23.67 -9.97
C ASP B 242 14.53 22.56 -10.37
N VAL B 243 13.46 22.86 -11.14
CA VAL B 243 12.35 21.87 -11.42
C VAL B 243 12.87 20.56 -12.02
N VAL B 244 12.06 19.52 -12.17
CA VAL B 244 12.58 18.26 -12.78
C VAL B 244 13.36 17.50 -11.78
N LYS B 245 12.68 16.52 -11.22
CA LYS B 245 13.21 15.72 -10.16
C LYS B 245 12.96 14.33 -10.63
N THR B 246 12.52 14.16 -11.86
CA THR B 246 12.11 12.85 -12.34
C THR B 246 12.60 12.49 -13.72
N ALA B 247 13.88 12.73 -13.95
CA ALA B 247 14.50 12.46 -15.23
C ALA B 247 14.45 10.97 -15.54
N ASN B 248 14.48 10.13 -14.52
CA ASN B 248 14.54 8.70 -14.75
C ASN B 248 13.33 8.04 -14.19
N ALA B 249 12.21 8.74 -14.23
CA ALA B 249 11.00 8.22 -13.67
C ALA B 249 10.40 7.16 -14.59
N GLY B 250 10.80 5.91 -14.39
CA GLY B 250 10.24 4.81 -15.18
C GLY B 250 8.72 4.71 -15.00
N GLU B 251 8.26 4.64 -13.77
CA GLU B 251 6.82 4.66 -13.52
C GLU B 251 6.16 5.96 -13.86
N HIS B 252 5.75 6.20 -15.08
CA HIS B 252 4.95 7.39 -15.36
C HIS B 252 3.69 7.01 -16.07
N ALA B 253 2.66 7.82 -15.96
CA ALA B 253 1.52 7.67 -16.86
C ALA B 253 1.53 8.79 -17.92
N MET B 254 0.72 8.66 -18.96
CA MET B 254 0.48 9.81 -19.85
C MET B 254 -0.73 9.60 -20.74
N SER B 255 -1.32 10.71 -21.18
CA SER B 255 -2.52 10.67 -21.98
C SER B 255 -2.12 10.23 -23.38
N LEU B 256 -2.98 9.44 -24.03
CA LEU B 256 -2.65 8.84 -25.30
C LEU B 256 -2.32 9.90 -26.35
N GLY B 257 -3.16 10.93 -26.41
CA GLY B 257 -2.87 12.07 -27.22
C GLY B 257 -1.39 12.44 -27.18
N LEU B 258 -0.84 12.51 -25.96
CA LEU B 258 0.55 12.90 -25.79
C LEU B 258 1.52 11.80 -26.19
N ALA B 259 1.24 10.59 -25.77
CA ALA B 259 2.11 9.47 -26.11
C ALA B 259 2.33 9.30 -27.64
N LEU B 260 1.26 9.19 -28.40
CA LEU B 260 1.42 8.92 -29.84
C LEU B 260 2.15 10.07 -30.55
N ARG B 261 2.28 11.19 -29.85
CA ARG B 261 2.98 12.34 -30.37
C ARG B 261 4.49 12.32 -30.11
N LEU B 262 4.93 11.64 -29.06
CA LEU B 262 6.36 11.56 -28.72
C LEU B 262 7.16 10.54 -29.58
N PRO B 263 8.37 10.95 -30.06
CA PRO B 263 9.34 9.98 -30.56
C PRO B 263 9.86 9.16 -29.37
N LEU B 264 10.57 8.06 -29.59
CA LEU B 264 11.02 7.26 -28.44
C LEU B 264 12.46 6.74 -28.55
N ALA B 265 13.30 7.19 -27.61
CA ALA B 265 14.67 6.70 -27.46
C ALA B 265 14.62 5.23 -27.06
N SER B 266 15.58 4.45 -27.55
CA SER B 266 15.64 3.00 -27.25
C SER B 266 16.63 2.59 -26.12
N GLY B 267 16.12 2.52 -24.87
CA GLY B 267 16.81 1.93 -23.70
C GLY B 267 17.63 2.82 -22.75
N TYR B 268 17.24 2.83 -21.45
CA TYR B 268 17.93 3.60 -20.37
C TYR B 268 18.01 5.12 -20.70
N ALA B 269 17.25 5.52 -21.70
CA ALA B 269 17.36 6.82 -22.31
C ALA B 269 15.94 7.32 -22.58
N VAL B 270 15.01 6.38 -22.58
CA VAL B 270 13.56 6.61 -22.69
C VAL B 270 13.01 7.77 -21.82
N GLU B 271 13.16 7.67 -20.50
CA GLU B 271 12.46 8.60 -19.62
C GLU B 271 13.01 10.01 -19.72
N PRO B 272 14.35 10.13 -19.76
CA PRO B 272 14.98 11.42 -19.99
C PRO B 272 14.62 11.96 -21.36
N GLN B 273 14.84 11.16 -22.40
CA GLN B 273 14.48 11.57 -23.75
C GLN B 273 13.02 12.06 -23.81
N GLU B 274 12.13 11.36 -23.12
CA GLU B 274 10.73 11.78 -23.02
C GLU B 274 10.63 13.25 -22.66
N LEU B 275 11.30 13.65 -21.60
CA LEU B 275 11.31 15.05 -21.21
C LEU B 275 11.94 15.94 -22.29
N VAL B 276 13.10 15.52 -22.81
CA VAL B 276 13.82 16.34 -23.78
C VAL B 276 12.91 16.65 -24.95
N SER B 277 12.20 15.62 -25.42
CA SER B 277 11.46 15.71 -26.66
C SER B 277 10.28 16.64 -26.50
N LEU B 278 9.54 16.48 -25.41
CA LEU B 278 8.51 17.44 -25.03
C LEU B 278 8.93 18.89 -25.19
N LEU B 279 10.17 19.16 -24.78
CA LEU B 279 10.74 20.50 -24.83
C LEU B 279 11.13 20.96 -26.22
N GLU B 280 11.81 20.10 -26.97
CA GLU B 280 12.19 20.43 -28.35
C GLU B 280 10.93 20.77 -29.14
N LEU B 281 9.97 19.85 -29.09
CA LEU B 281 8.72 19.89 -29.84
C LEU B 281 7.77 21.01 -29.47
N TYR B 282 7.52 21.19 -28.18
CA TYR B 282 6.51 22.16 -27.76
C TYR B 282 7.05 23.37 -27.03
N GLY B 283 8.37 23.39 -26.81
CA GLY B 283 9.01 24.46 -26.05
C GLY B 283 9.14 25.79 -26.75
N GLY B 284 8.64 25.90 -27.98
CA GLY B 284 8.45 27.22 -28.61
C GLY B 284 9.67 27.85 -29.26
N VAL B 285 10.73 27.05 -29.36
CA VAL B 285 11.95 27.45 -30.04
C VAL B 285 11.87 27.04 -31.51
N PHE B 286 10.87 26.23 -31.86
CA PHE B 286 10.73 25.78 -33.21
C PHE B 286 9.32 25.95 -33.73
N PRO B 287 9.18 26.09 -35.08
CA PRO B 287 7.96 25.77 -35.78
C PRO B 287 7.21 24.71 -35.02
N LEU B 288 6.06 25.06 -34.48
CA LEU B 288 5.17 24.10 -33.86
C LEU B 288 3.83 24.10 -34.62
N GLU B 289 3.61 23.08 -35.44
CA GLU B 289 2.30 22.84 -36.01
C GLU B 289 1.61 21.70 -35.30
N ASP B 290 0.85 22.03 -34.26
CA ASP B 290 -0.10 21.08 -33.77
C ASP B 290 -1.26 21.83 -33.19
N GLU B 291 -2.18 22.20 -34.07
CA GLU B 291 -3.32 23.03 -33.71
C GLU B 291 -3.85 22.74 -32.31
N GLU B 292 -3.89 21.47 -31.94
CA GLU B 292 -4.39 21.07 -30.63
C GLU B 292 -3.36 21.30 -29.53
N VAL B 293 -2.14 20.80 -29.71
CA VAL B 293 -1.09 21.01 -28.72
C VAL B 293 -0.70 22.48 -28.60
N LEU B 294 -0.82 23.22 -29.69
CA LEU B 294 -0.47 24.62 -29.67
C LEU B 294 -1.48 25.39 -28.84
N GLN B 295 -2.62 24.76 -28.57
CA GLN B 295 -3.80 25.48 -28.09
C GLN B 295 -4.24 25.03 -26.72
N HIS B 296 -4.01 23.76 -26.41
CA HIS B 296 -4.24 23.23 -25.06
C HIS B 296 -2.96 23.21 -24.26
N GLY B 297 -1.82 23.04 -24.92
CA GLY B 297 -0.51 22.94 -24.27
C GLY B 297 -0.31 21.69 -23.44
N VAL B 298 0.88 21.53 -22.88
CA VAL B 298 1.24 20.29 -22.16
C VAL B 298 1.53 20.52 -20.68
N GLU B 299 0.86 19.74 -19.82
CA GLU B 299 1.17 19.71 -18.37
C GLU B 299 1.95 18.47 -17.95
N ILE B 300 3.07 18.69 -17.29
CA ILE B 300 3.83 17.58 -16.70
C ILE B 300 3.73 17.63 -15.18
N PHE B 301 3.35 16.50 -14.61
CA PHE B 301 3.20 16.41 -13.18
C PHE B 301 4.24 15.51 -12.59
N GLN B 302 4.82 15.95 -11.49
CA GLN B 302 5.80 15.16 -10.77
C GLN B 302 5.25 14.92 -9.34
N ILE B 303 4.88 13.68 -9.07
CA ILE B 303 4.23 13.34 -7.82
C ILE B 303 5.07 12.47 -6.90
N GLU B 304 5.27 12.93 -5.67
CA GLU B 304 6.06 12.17 -4.70
C GLU B 304 5.14 11.31 -3.89
N THR B 305 5.43 10.01 -3.85
CA THR B 305 4.57 9.07 -3.15
C THR B 305 4.96 8.78 -1.69
N ARG B 306 3.94 8.62 -0.85
CA ARG B 306 4.12 8.13 0.51
C ARG B 306 4.80 6.79 0.57
N ASN B 307 4.57 5.97 -0.43
CA ASN B 307 5.07 4.61 -0.43
C ASN B 307 6.43 4.60 -1.08
N PRO B 308 7.43 4.02 -0.38
CA PRO B 308 8.80 3.81 -0.90
C PRO B 308 8.78 2.95 -2.17
N HIS B 309 9.89 2.95 -2.90
CA HIS B 309 9.99 2.13 -4.09
C HIS B 309 11.03 1.02 -3.82
N LEU B 310 10.57 -0.20 -3.52
CA LEU B 310 11.54 -1.31 -3.26
C LEU B 310 11.72 -2.32 -4.41
N HIS B 311 12.12 -1.73 -5.56
CA HIS B 311 12.49 -2.45 -6.76
C HIS B 311 13.95 -2.84 -6.54
N GLU B 312 14.25 -4.14 -6.40
CA GLU B 312 15.68 -4.62 -6.33
C GLU B 312 16.42 -4.38 -7.65
N ASN B 313 17.36 -3.42 -7.63
CA ASN B 313 18.12 -3.06 -8.84
C ASN B 313 19.67 -3.12 -8.65
N LYS B 314 20.27 -4.28 -8.97
CA LYS B 314 21.73 -4.47 -8.80
C LYS B 314 22.63 -3.87 -9.93
N GLY B 315 23.86 -4.38 -10.04
CA GLY B 315 24.86 -3.88 -10.99
C GLY B 315 25.25 -2.43 -10.71
N ASP B 316 26.52 -2.22 -10.42
CA ASP B 316 27.05 -0.89 -10.20
C ASP B 316 27.08 -0.16 -11.56
N GLU B 317 27.73 -0.79 -12.54
CA GLU B 317 27.81 -0.30 -13.93
C GLU B 317 26.43 -0.12 -14.65
N HIS B 318 25.39 -0.88 -14.26
CA HIS B 318 24.00 -0.60 -14.67
C HIS B 318 23.73 0.91 -14.59
N ILE B 319 24.01 1.43 -13.39
CA ILE B 319 23.81 2.86 -13.04
C ILE B 319 24.75 3.82 -13.79
N ARG B 320 26.03 3.45 -13.97
CA ARG B 320 26.94 4.19 -14.87
C ARG B 320 26.25 4.37 -16.23
N ASP B 321 25.74 3.26 -16.75
CA ASP B 321 25.06 3.29 -18.03
C ASP B 321 23.92 4.27 -17.99
N MET B 322 23.07 4.18 -16.96
CA MET B 322 21.97 5.13 -16.74
C MET B 322 22.42 6.60 -16.88
N LEU B 323 23.66 6.88 -16.47
CA LEU B 323 24.23 8.23 -16.49
C LEU B 323 24.57 8.70 -17.90
N LEU B 324 25.41 7.92 -18.57
CA LEU B 324 25.87 8.22 -19.93
C LEU B 324 24.65 8.33 -20.82
N ALA B 325 23.78 7.33 -20.70
CA ALA B 325 22.48 7.34 -21.35
C ALA B 325 21.91 8.73 -21.30
N CYS B 326 21.95 9.32 -20.11
CA CYS B 326 21.15 10.50 -19.87
C CYS B 326 21.84 11.77 -20.33
N LEU B 327 23.09 11.92 -19.96
CA LEU B 327 23.84 13.08 -20.40
C LEU B 327 24.02 13.06 -21.91
N ALA B 328 23.80 11.90 -22.52
CA ALA B 328 23.87 11.76 -23.97
C ALA B 328 22.69 12.45 -24.62
N THR B 329 21.49 12.08 -24.20
CA THR B 329 20.26 12.73 -24.70
C THR B 329 20.32 14.26 -24.58
N VAL B 330 20.82 14.76 -23.46
CA VAL B 330 21.07 16.19 -23.26
C VAL B 330 22.10 16.77 -24.25
N TYR B 331 23.33 16.27 -24.19
CA TYR B 331 24.40 16.69 -25.11
C TYR B 331 23.84 16.85 -26.53
N HIS B 332 23.02 15.88 -26.94
CA HIS B 332 22.53 15.79 -28.31
C HIS B 332 21.20 16.48 -28.60
N SER B 333 20.53 17.02 -27.60
CA SER B 333 19.36 17.81 -27.90
C SER B 333 19.70 18.95 -28.85
N LYS B 334 18.81 19.24 -29.78
CA LYS B 334 19.00 20.36 -30.68
C LYS B 334 18.63 21.65 -29.96
N LEU B 335 18.93 21.69 -28.66
CA LEU B 335 18.58 22.81 -27.80
C LEU B 335 19.67 23.12 -26.82
N ALA B 336 20.66 22.24 -26.76
CA ALA B 336 21.76 22.38 -25.84
C ALA B 336 22.61 23.50 -26.37
N THR B 337 22.88 24.46 -25.51
CA THR B 337 23.75 25.55 -25.82
C THR B 337 25.15 24.96 -25.94
N GLU B 338 26.15 25.79 -26.23
CA GLU B 338 27.49 25.27 -26.15
C GLU B 338 27.82 24.86 -24.70
N GLU B 339 27.63 25.76 -23.74
CA GLU B 339 28.04 25.50 -22.34
C GLU B 339 27.35 24.34 -21.65
N VAL B 340 26.14 24.00 -22.09
CA VAL B 340 25.44 22.83 -21.60
C VAL B 340 26.10 21.58 -22.19
N ARG B 341 26.17 21.54 -23.52
CA ARG B 341 26.89 20.48 -24.26
C ARG B 341 28.26 20.27 -23.61
N GLN B 342 28.83 21.37 -23.13
CA GLN B 342 30.17 21.41 -22.56
C GLN B 342 30.28 20.82 -21.15
N SER B 343 29.38 21.20 -20.26
CA SER B 343 29.42 20.73 -18.89
C SER B 343 29.21 19.25 -18.89
N VAL B 344 28.09 18.86 -19.48
CA VAL B 344 27.71 17.47 -19.61
C VAL B 344 28.93 16.63 -19.97
N LEU B 345 29.66 17.08 -20.98
CA LEU B 345 30.81 16.37 -21.49
C LEU B 345 31.87 16.14 -20.42
N GLU B 346 32.36 17.24 -19.83
CA GLU B 346 33.30 17.18 -18.73
C GLU B 346 32.91 16.12 -17.73
N GLU B 347 31.81 16.40 -17.04
CA GLU B 347 31.13 15.46 -16.18
C GLU B 347 31.18 13.99 -16.62
N LEU B 348 30.92 13.73 -17.91
CA LEU B 348 30.89 12.36 -18.44
C LEU B 348 32.26 11.69 -18.44
N GLN B 349 33.15 12.17 -19.30
CA GLN B 349 34.49 11.63 -19.41
C GLN B 349 35.19 11.73 -18.06
N ALA B 350 34.59 12.49 -17.15
CA ALA B 350 35.07 12.58 -15.78
C ALA B 350 34.81 11.31 -14.99
N ALA B 351 34.38 10.24 -15.67
CA ALA B 351 34.04 8.94 -15.05
C ALA B 351 33.49 7.97 -16.12
N GLY B 352 34.21 7.81 -17.22
CA GLY B 352 33.72 6.97 -18.32
C GLY B 352 33.98 7.49 -19.72
N ALA B 353 32.91 7.92 -20.41
CA ALA B 353 32.93 8.46 -21.80
C ALA B 353 34.20 8.30 -22.65
N LEU B 354 35.35 8.69 -22.10
CA LEU B 354 36.69 8.41 -22.67
C LEU B 354 37.35 9.58 -23.40
N ALA B 355 38.65 9.41 -23.67
CA ALA B 355 39.51 10.33 -24.44
C ALA B 355 39.74 11.71 -23.78
N PRO B 356 40.57 12.59 -24.38
CA PRO B 356 40.49 13.97 -23.92
C PRO B 356 39.10 14.50 -24.22
N GLY B 357 38.61 14.15 -25.41
CA GLY B 357 37.23 14.38 -25.82
C GLY B 357 36.69 13.19 -26.59
N GLU B 358 35.38 13.10 -26.70
CA GLU B 358 34.75 11.93 -27.24
C GLU B 358 33.27 12.21 -27.26
N GLU B 359 32.71 12.37 -28.45
CA GLU B 359 31.27 12.67 -28.57
C GLU B 359 30.40 11.44 -28.36
N PRO B 360 29.67 11.37 -27.22
CA PRO B 360 28.76 10.27 -26.89
C PRO B 360 27.84 9.92 -28.04
N PRO B 361 27.50 8.64 -28.22
CA PRO B 361 26.66 8.29 -29.36
C PRO B 361 25.33 9.04 -29.33
N PRO B 362 24.89 9.54 -30.50
CA PRO B 362 23.63 10.25 -30.62
C PRO B 362 22.49 9.28 -30.39
N PRO B 363 21.28 9.79 -30.11
CA PRO B 363 20.25 8.83 -29.70
C PRO B 363 19.57 8.15 -30.91
N VAL B 364 19.47 6.83 -30.87
CA VAL B 364 18.62 6.15 -31.82
C VAL B 364 17.17 6.31 -31.33
N LEU B 365 16.42 7.14 -32.06
CA LEU B 365 15.02 7.46 -31.74
C LEU B 365 14.02 6.80 -32.67
N TYR B 366 12.91 6.33 -32.12
CA TYR B 366 11.80 5.89 -32.95
C TYR B 366 10.89 7.12 -33.17
N PRO B 367 10.29 7.26 -34.37
CA PRO B 367 9.43 8.42 -34.63
C PRO B 367 8.07 8.25 -33.94
N PRO B 368 7.28 9.33 -33.78
CA PRO B 368 5.96 9.31 -33.15
C PRO B 368 5.02 8.20 -33.66
N LEU B 369 4.17 7.69 -32.79
CA LEU B 369 3.23 6.64 -33.18
C LEU B 369 1.97 7.19 -33.88
N SER B 370 1.90 8.50 -34.05
CA SER B 370 0.85 9.08 -34.85
C SER B 370 1.09 8.64 -36.29
N SER B 371 2.36 8.54 -36.66
CA SER B 371 2.79 8.12 -38.00
C SER B 371 2.25 6.74 -38.42
N LEU B 372 1.33 6.21 -37.61
CA LEU B 372 0.86 4.84 -37.76
C LEU B 372 -0.63 4.78 -38.02
N ASP B 373 -1.05 3.80 -38.83
CA ASP B 373 -2.46 3.63 -39.16
C ASP B 373 -3.11 2.50 -38.36
N LEU B 374 -3.75 2.87 -37.26
CA LEU B 374 -4.50 1.94 -36.42
C LEU B 374 -5.50 1.06 -37.16
N GLN B 375 -6.26 1.62 -38.10
CA GLN B 375 -7.24 0.78 -38.72
C GLN B 375 -6.59 -0.32 -39.57
N ALA B 376 -5.47 -0.01 -40.21
CA ALA B 376 -4.69 -1.05 -40.88
C ALA B 376 -4.37 -2.15 -39.85
N VAL B 377 -4.03 -1.72 -38.64
CA VAL B 377 -3.60 -2.62 -37.56
C VAL B 377 -4.76 -3.46 -37.08
N ARG B 378 -5.91 -2.84 -36.86
CA ARG B 378 -7.07 -3.60 -36.42
C ARG B 378 -7.40 -4.63 -37.51
N LYS B 379 -7.44 -4.17 -38.75
CA LYS B 379 -7.52 -5.05 -39.91
C LYS B 379 -6.66 -6.31 -39.71
N ALA B 380 -5.36 -6.10 -39.47
CA ALA B 380 -4.35 -7.17 -39.46
C ALA B 380 -4.42 -8.05 -38.22
N LEU B 381 -4.74 -7.44 -37.09
CA LEU B 381 -4.90 -8.19 -35.85
C LEU B 381 -6.28 -8.81 -35.72
N ARG B 382 -7.04 -8.74 -36.79
CA ARG B 382 -8.46 -9.06 -36.75
C ARG B 382 -8.72 -10.45 -36.18
N GLY B 383 -8.29 -11.48 -36.89
CA GLY B 383 -8.52 -12.86 -36.44
C GLY B 383 -7.79 -13.25 -35.15
N HIS B 384 -7.06 -12.32 -34.54
CA HIS B 384 -6.17 -12.65 -33.43
C HIS B 384 -6.53 -11.94 -32.13
N PHE B 385 -7.35 -10.88 -32.20
CA PHE B 385 -7.53 -10.07 -31.00
C PHE B 385 -7.84 -10.96 -29.78
N SER B 386 -8.32 -12.17 -29.99
CA SER B 386 -8.69 -13.00 -28.84
C SER B 386 -7.57 -13.85 -28.20
N ARG B 387 -6.39 -13.98 -28.80
CA ARG B 387 -5.26 -14.52 -28.03
C ARG B 387 -4.59 -13.42 -27.17
N PHE B 388 -4.99 -12.19 -27.45
CA PHE B 388 -4.54 -11.02 -26.73
C PHE B 388 -5.56 -10.71 -25.67
N ARG B 389 -6.86 -10.89 -25.99
CA ARG B 389 -7.92 -10.58 -25.02
C ARG B 389 -7.88 -11.73 -24.03
N VAL B 390 -7.85 -11.40 -22.74
CA VAL B 390 -8.03 -12.46 -21.74
C VAL B 390 -9.44 -12.52 -21.13
N PRO B 391 -10.22 -13.55 -21.56
CA PRO B 391 -11.39 -13.94 -20.81
C PRO B 391 -10.94 -14.35 -19.40
CAC FLC C . -19.11 -3.21 -12.04
CA FLC C . -17.97 -3.34 -13.05
CB FLC C . -17.66 -2.08 -13.88
CBC FLC C . -16.71 -1.17 -13.08
CG FLC C . -16.98 -2.59 -15.17
CGC FLC C . -18.03 -2.36 -16.25
OA1 FLC C . -19.04 -2.37 -11.11
OA2 FLC C . -20.09 -3.96 -12.15
OB1 FLC C . -17.17 -0.48 -12.15
OB2 FLC C . -15.49 -1.12 -13.39
OG1 FLC C . -17.86 -1.48 -17.15
OG2 FLC C . -19.07 -3.08 -16.15
OHB FLC C . -18.88 -1.35 -14.27
ZN ZN D . -10.39 -25.12 5.06
ZN ZN E . 1.35 -5.91 11.18
ZN ZN F . 11.64 24.24 -7.18
ZN ZN G . 9.08 2.98 -8.63
ZN ZN H . -8.80 21.27 -29.07
#